data_3P70
#
_entry.id   3P70
#
_cell.length_a   62.243
_cell.length_b   68.227
_cell.length_c   98.972
_cell.angle_alpha   72.57
_cell.angle_beta   84.05
_cell.angle_gamma   80.45
#
_symmetry.space_group_name_H-M   'P 1'
#
loop_
_entity.id
_entity.type
_entity.pdbx_description
1 polymer 'HUMAN ALPHA-THROMBIN, LIGHT CHAIN'
2 polymer 'HUMAN ALPHA-THROMBIN, HEAVY CHAIN'
3 polymer 'HUMAN FACTOR V, A2-B DOMAIN LINKER'
4 branched 2-acetamido-2-deoxy-beta-D-glucopyranose-(1-4)-2-acetamido-2-deoxy-beta-D-glucopyranose
5 non-polymer 2-acetamido-2-deoxy-beta-D-glucopyranose
6 non-polymer BENZAMIDINE
7 non-polymer 'SODIUM ION'
8 non-polymer beta-D-glucopyranose
9 water water
#
loop_
_entity_poly.entity_id
_entity_poly.type
_entity_poly.pdbx_seq_one_letter_code
_entity_poly.pdbx_strand_id
1 'polypeptide(L)' TFGSGEADCGLRPLFEKKSLEDKTERELLESYIDGR A,C,E,G
2 'polypeptide(L)'
;IVEGSDAEIGMSPWQVMLFRKSPQELLCGASLISDRWVLTAAHCLLYPPWDKNFTENDLLVRIGKHSRTRYERNIEKISM
LEKIYIHPRYNWRENLDRDIALMKLKKPVAFSDYIHPVCLPDRETAASLLQAGYKGRVTGWGNLKETWTANVGKGQPSVL
QVVNLPIVERPVCKDSTRIRITDNMFCAGYKPDEGKRGDACEGDSGGPFVMKSPFNNRWYQMGIVSWGEGCDRDGKYGFY
THVFRLKKWIQKVIDQFGE
;
B,D,F,H
3 'polypeptide(L)' AHHHHHHVGTWENLYFQSIPDDDEDSYEIFEPPESTVMATRKMHDRLEPEDEESDADYDYQNRLAAALGIR M,N,O,P
#
loop_
_chem_comp.id
_chem_comp.type
_chem_comp.name
_chem_comp.formula
BEN non-polymer BENZAMIDINE 'C7 H8 N2'
BGC D-saccharide, beta linking beta-D-glucopyranose 'C6 H12 O6'
NA non-polymer 'SODIUM ION' 'Na 1'
NAG D-saccharide, beta linking 2-acetamido-2-deoxy-beta-D-glucopyranose 'C8 H15 N O6'
#
# COMPACT_ATOMS: atom_id res chain seq x y z
N ALA A 7 -13.71 -38.04 2.81
CA ALA A 7 -13.07 -39.39 2.59
C ALA A 7 -12.79 -39.76 1.12
N ASP A 8 -13.63 -39.25 0.22
CA ASP A 8 -13.37 -39.22 -1.21
C ASP A 8 -12.44 -37.96 -1.50
N CYS A 9 -11.79 -37.47 -0.44
CA CYS A 9 -11.08 -36.22 -0.54
C CYS A 9 -10.07 -36.28 -1.67
N GLY A 10 -9.94 -35.20 -2.39
CA GLY A 10 -8.89 -35.05 -3.33
C GLY A 10 -8.91 -35.83 -4.61
N LEU A 11 -10.00 -36.55 -4.91
CA LEU A 11 -10.07 -37.17 -6.23
C LEU A 11 -11.05 -36.29 -6.93
N ARG A 12 -10.64 -35.69 -8.04
CA ARG A 12 -11.49 -34.78 -8.80
C ARG A 12 -12.45 -35.51 -9.75
N PRO A 13 -13.68 -35.04 -9.80
CA PRO A 13 -14.63 -35.69 -10.67
C PRO A 13 -14.30 -35.57 -12.14
N LEU A 14 -13.73 -34.45 -12.54
CA LEU A 14 -13.51 -34.23 -13.93
C LEU A 14 -12.16 -34.75 -14.37
N PHE A 15 -11.35 -35.21 -13.42
CA PHE A 15 -10.00 -35.68 -13.75
C PHE A 15 -9.76 -37.08 -13.26
N GLU A 16 -9.26 -37.23 -12.04
CA GLU A 16 -8.99 -38.55 -11.45
C GLU A 16 -10.16 -39.53 -11.49
N LYS A 17 -11.38 -39.09 -11.24
CA LYS A 17 -12.49 -40.07 -11.27
C LYS A 17 -12.72 -40.55 -12.69
N LYS A 18 -12.14 -39.88 -13.68
CA LYS A 18 -12.26 -40.41 -15.04
C LYS A 18 -10.93 -40.61 -15.77
N SER A 19 -9.87 -40.88 -15.03
CA SER A 19 -8.56 -41.23 -15.63
C SER A 19 -8.08 -40.22 -16.68
N LEU A 20 -8.35 -38.93 -16.40
CA LEU A 20 -7.84 -37.81 -17.19
C LEU A 20 -6.87 -36.96 -16.35
N GLU A 21 -5.75 -36.61 -16.95
CA GLU A 21 -4.80 -35.79 -16.23
C GLU A 21 -5.03 -34.33 -16.58
N ASP A 22 -4.71 -33.39 -15.70
CA ASP A 22 -4.73 -32.00 -16.16
C ASP A 22 -3.49 -31.68 -17.03
N LYS A 23 -3.40 -30.47 -17.56
CA LYS A 23 -2.25 -30.10 -18.41
C LYS A 23 -0.89 -29.92 -17.71
N THR A 24 -0.82 -29.81 -16.38
CA THR A 24 0.47 -29.57 -15.67
C THR A 24 0.82 -30.42 -14.42
N GLU A 25 -0.05 -31.30 -13.97
CA GLU A 25 0.32 -32.19 -12.85
C GLU A 25 1.62 -33.07 -13.01
N ARG A 26 1.90 -33.51 -14.22
CA ARG A 26 3.12 -34.18 -14.51
C ARG A 26 4.38 -33.39 -14.08
N GLU A 27 4.26 -32.08 -13.97
CA GLU A 27 5.40 -31.31 -13.62
C GLU A 27 5.52 -31.47 -12.14
N LEU A 28 4.38 -31.54 -11.46
CA LEU A 28 4.44 -31.93 -10.05
C LEU A 28 5.18 -33.27 -9.89
N LEU A 29 4.82 -34.29 -10.66
CA LEU A 29 5.43 -35.58 -10.47
C LEU A 29 6.86 -35.56 -11.02
N GLU A 30 7.11 -34.91 -12.15
CA GLU A 30 8.53 -34.79 -12.57
C GLU A 30 9.43 -34.22 -11.44
N SER A 31 8.88 -33.31 -10.61
CA SER A 31 9.68 -32.77 -9.48
C SER A 31 9.85 -33.75 -8.35
N TYR A 32 9.01 -34.77 -8.26
CA TYR A 32 9.19 -35.72 -7.14
C TYR A 32 10.24 -36.78 -7.48
N ILE A 33 10.36 -37.12 -8.75
CA ILE A 33 11.26 -38.18 -9.21
C ILE A 33 12.60 -37.65 -9.69
N ASP A 34 12.60 -36.49 -10.32
CA ASP A 34 13.87 -35.95 -10.83
C ASP A 34 14.60 -35.24 -9.69
N GLY A 35 15.80 -34.73 -9.98
CA GLY A 35 16.50 -33.87 -9.02
C GLY A 35 17.93 -34.31 -8.91
N ILE B 1 -2.34 -14.38 -8.46
CA ILE B 1 -1.37 -15.27 -9.20
C ILE B 1 -0.62 -14.54 -10.35
N VAL B 2 0.71 -14.67 -10.33
CA VAL B 2 1.63 -13.88 -11.21
C VAL B 2 2.46 -14.88 -11.96
N GLU B 3 2.52 -14.71 -13.29
CA GLU B 3 3.04 -15.75 -14.23
C GLU B 3 2.36 -17.16 -14.11
N GLY B 4 1.07 -17.15 -13.83
CA GLY B 4 0.28 -18.38 -13.86
C GLY B 4 -0.38 -18.51 -15.21
N SER B 5 -1.42 -19.34 -15.29
CA SER B 5 -2.24 -19.48 -16.46
C SER B 5 -3.68 -19.83 -16.05
N ASP B 6 -4.63 -19.79 -17.00
CA ASP B 6 -6.03 -20.10 -16.67
C ASP B 6 -6.17 -21.53 -16.09
N ALA B 7 -6.88 -21.67 -14.98
CA ALA B 7 -7.25 -23.03 -14.49
C ALA B 7 -8.09 -23.72 -15.55
N GLU B 8 -8.11 -25.05 -15.58
CA GLU B 8 -9.01 -25.70 -16.51
C GLU B 8 -10.26 -25.91 -15.72
N ILE B 9 -11.36 -26.16 -16.42
CA ILE B 9 -12.63 -26.41 -15.74
C ILE B 9 -12.46 -27.60 -14.81
N GLY B 10 -12.74 -27.37 -13.53
CA GLY B 10 -12.87 -28.45 -12.58
C GLY B 10 -11.53 -28.84 -12.00
N MET B 11 -10.51 -28.06 -12.29
CA MET B 11 -9.13 -28.37 -11.92
C MET B 11 -8.83 -28.29 -10.40
N SER B 12 -9.70 -27.63 -9.69
CA SER B 12 -9.43 -27.19 -8.34
C SER B 12 -10.76 -27.02 -7.63
N PRO B 13 -11.53 -28.11 -7.55
CA PRO B 13 -12.91 -28.10 -7.16
C PRO B 13 -13.18 -27.89 -5.64
N TRP B 14 -12.12 -27.84 -4.83
CA TRP B 14 -12.16 -27.41 -3.44
C TRP B 14 -11.90 -25.91 -3.28
N GLN B 15 -11.51 -25.22 -4.36
CA GLN B 15 -11.15 -23.78 -4.30
C GLN B 15 -12.33 -22.91 -3.92
N VAL B 16 -12.14 -22.03 -2.93
CA VAL B 16 -13.26 -21.23 -2.43
C VAL B 16 -13.00 -19.72 -2.40
N MET B 17 -14.01 -18.94 -2.78
CA MET B 17 -13.89 -17.51 -2.81
C MET B 17 -14.59 -16.97 -1.61
N LEU B 18 -13.84 -16.22 -0.81
CA LEU B 18 -14.34 -15.54 0.37
C LEU B 18 -14.84 -14.17 -0.08
N PHE B 19 -16.11 -13.83 0.27
CA PHE B 19 -16.85 -12.74 -0.38
C PHE B 19 -17.58 -11.80 0.58
N ARG B 20 -17.29 -10.50 0.54
CA ARG B 20 -17.91 -9.54 1.44
C ARG B 20 -19.32 -9.19 0.95
N LYS B 21 -20.30 -9.31 1.85
CA LYS B 21 -21.69 -9.03 1.55
C LYS B 21 -21.92 -7.60 1.11
N SER B 22 -21.36 -6.62 1.84
CA SER B 22 -21.57 -5.20 1.52
C SER B 22 -20.51 -4.22 2.08
N PRO B 23 -19.84 -3.44 1.20
CA PRO B 23 -19.92 -3.49 -0.26
C PRO B 23 -19.51 -4.86 -0.70
N GLN B 24 -19.94 -5.27 -1.89
CA GLN B 24 -19.57 -6.56 -2.47
C GLN B 24 -18.14 -6.52 -2.94
N GLU B 25 -17.34 -7.52 -2.56
CA GLU B 25 -15.92 -7.62 -2.96
C GLU B 25 -15.26 -8.96 -2.64
N LEU B 26 -14.21 -9.24 -3.37
CA LEU B 26 -13.47 -10.45 -3.16
C LEU B 26 -12.45 -10.23 -2.03
N LEU B 27 -12.48 -11.09 -1.02
CA LEU B 27 -11.69 -10.87 0.17
C LEU B 27 -10.44 -11.75 0.15
N CYS B 28 -10.68 -13.05 -0.06
CA CYS B 28 -9.61 -14.03 -0.08
C CYS B 28 -9.99 -15.25 -0.85
N GLY B 29 -9.05 -16.19 -0.85
CA GLY B 29 -9.33 -17.57 -1.21
C GLY B 29 -9.53 -18.40 0.04
N ALA B 30 -9.80 -19.67 -0.18
CA ALA B 30 -10.13 -20.54 0.89
C ALA B 30 -10.29 -21.89 0.27
N SER B 31 -10.51 -22.92 1.10
CA SER B 31 -10.68 -24.24 0.54
C SER B 31 -11.67 -25.15 1.26
N LEU B 32 -12.23 -26.05 0.43
CA LEU B 32 -13.27 -26.97 0.86
C LEU B 32 -12.62 -28.24 1.34
N ILE B 33 -12.69 -28.49 2.64
CA ILE B 33 -12.01 -29.67 3.20
C ILE B 33 -13.00 -30.76 3.61
N SER B 34 -14.29 -30.46 3.44
CA SER B 34 -15.44 -31.40 3.72
C SER B 34 -16.74 -30.64 3.46
N ASP B 35 -17.91 -31.29 3.58
CA ASP B 35 -19.16 -30.63 3.18
C ASP B 35 -19.62 -29.54 4.17
N ARG B 36 -18.79 -29.31 5.17
CA ARG B 36 -19.21 -28.51 6.30
C ARG B 36 -18.24 -27.43 6.70
N TRP B 37 -16.99 -27.51 6.16
CA TRP B 37 -15.87 -26.67 6.59
C TRP B 37 -15.02 -26.11 5.42
N VAL B 38 -14.74 -24.79 5.52
CA VAL B 38 -13.83 -24.11 4.62
C VAL B 38 -12.62 -23.68 5.41
N LEU B 39 -11.45 -23.71 4.76
CA LEU B 39 -10.15 -23.42 5.40
C LEU B 39 -9.54 -22.15 4.81
N THR B 40 -9.05 -21.27 5.69
CA THR B 40 -8.51 -20.03 5.17
C THR B 40 -7.39 -19.45 6.00
N ALA B 41 -7.00 -18.22 5.71
CA ALA B 41 -5.90 -17.61 6.41
C ALA B 41 -6.59 -16.72 7.40
N ALA B 42 -6.01 -16.62 8.60
CA ALA B 42 -6.53 -15.71 9.62
C ALA B 42 -6.50 -14.22 9.21
N HIS B 43 -5.48 -13.78 8.48
CA HIS B 43 -5.32 -12.34 8.28
C HIS B 43 -6.39 -11.91 7.24
N CYS B 44 -7.12 -12.89 6.74
CA CYS B 44 -8.27 -12.66 5.89
C CYS B 44 -9.49 -12.13 6.69
N LEU B 45 -9.49 -12.38 8.00
CA LEU B 45 -10.68 -12.28 8.80
C LEU B 45 -10.44 -11.27 9.87
N LEU B 46 -9.23 -11.33 10.43
CA LEU B 46 -8.86 -10.52 11.57
C LEU B 46 -7.46 -9.93 11.37
N TYR B 47 -7.37 -8.61 11.31
CA TYR B 47 -6.08 -7.96 11.30
C TYR B 47 -6.26 -6.60 11.91
N PRO B 48 -6.08 -6.52 13.23
CA PRO B 48 -6.55 -5.36 14.01
C PRO B 48 -6.01 -3.96 13.66
N PRO B 49 -4.84 -3.88 12.98
CA PRO B 49 -4.33 -2.54 12.68
C PRO B 49 -4.98 -1.92 11.46
N TRP B 50 -5.63 -2.73 10.64
CA TRP B 50 -6.39 -2.20 9.52
C TRP B 50 -7.92 -2.27 9.75
N ASP B 51 -8.28 -2.37 11.03
CA ASP B 51 -9.67 -2.55 11.44
C ASP B 51 -10.39 -3.74 10.80
N LYS B 52 -9.63 -4.77 10.41
CA LYS B 52 -10.22 -5.98 9.88
C LYS B 52 -10.74 -6.75 11.07
N ASN B 53 -11.98 -7.19 11.01
CA ASN B 53 -12.59 -8.06 12.01
C ASN B 53 -13.97 -8.48 11.47
N PHE B 54 -13.95 -9.37 10.50
CA PHE B 54 -15.15 -9.83 9.86
C PHE B 54 -15.84 -10.91 10.70
N THR B 55 -17.06 -10.65 11.17
CA THR B 55 -17.81 -11.73 11.79
C THR B 55 -18.41 -12.57 10.66
N GLU B 56 -18.92 -13.75 10.99
CA GLU B 56 -19.72 -14.57 10.07
C GLU B 56 -20.86 -13.85 9.31
N ASN B 57 -21.59 -12.93 9.97
CA ASN B 57 -22.67 -12.16 9.30
C ASN B 57 -22.15 -11.29 8.16
N ASP B 58 -20.85 -11.00 8.16
CA ASP B 58 -20.26 -10.12 7.16
C ASP B 58 -19.97 -10.83 5.86
N LEU B 59 -19.61 -12.10 5.88
CA LEU B 59 -19.13 -12.80 4.68
C LEU B 59 -20.09 -13.82 4.06
N LEU B 60 -19.76 -14.21 2.82
CA LEU B 60 -20.37 -15.37 2.13
C LEU B 60 -19.18 -16.06 1.52
N VAL B 61 -19.31 -17.34 1.20
CA VAL B 61 -18.32 -18.09 0.47
C VAL B 61 -18.95 -18.51 -0.83
N ARG B 62 -18.19 -18.49 -1.92
CA ARG B 62 -18.69 -18.97 -3.18
C ARG B 62 -17.78 -20.10 -3.57
N ILE B 63 -18.38 -21.23 -3.91
CA ILE B 63 -17.70 -22.48 -4.18
C ILE B 63 -18.09 -22.91 -5.62
N GLY B 64 -17.20 -23.60 -6.33
CA GLY B 64 -17.49 -24.08 -7.69
C GLY B 64 -17.13 -23.12 -8.83
N LYS B 65 -16.54 -21.98 -8.49
CA LYS B 65 -16.38 -20.89 -9.42
C LYS B 65 -15.22 -21.05 -10.39
N HIS B 66 -15.28 -20.30 -11.47
CA HIS B 66 -14.25 -20.27 -12.46
C HIS B 66 -14.00 -18.78 -12.75
N SER B 67 -14.98 -18.13 -13.36
CA SER B 67 -14.91 -16.69 -13.61
C SER B 67 -14.86 -15.93 -12.30
N ARG B 68 -14.22 -14.75 -12.31
CA ARG B 68 -14.05 -13.94 -11.12
C ARG B 68 -15.28 -13.14 -10.77
N THR B 69 -15.97 -12.61 -11.76
CA THR B 69 -17.02 -11.62 -11.48
C THR B 69 -18.40 -12.11 -11.80
N ARG B 70 -18.49 -13.03 -12.77
CA ARG B 70 -19.74 -13.51 -13.30
C ARG B 70 -20.43 -14.39 -12.28
N TYR B 71 -21.75 -14.34 -12.28
CA TYR B 71 -22.53 -15.30 -11.57
C TYR B 71 -22.75 -16.56 -12.42
N GLU B 72 -22.11 -17.62 -11.98
CA GLU B 72 -22.03 -18.86 -12.73
C GLU B 72 -23.20 -19.78 -12.44
N ARG B 73 -24.32 -19.45 -13.06
CA ARG B 73 -25.54 -20.16 -12.84
C ARG B 73 -25.27 -21.64 -13.10
N ASN B 74 -25.89 -22.49 -12.28
CA ASN B 74 -25.93 -23.95 -12.51
C ASN B 74 -24.58 -24.63 -12.28
N ILE B 75 -23.62 -23.87 -11.77
CA ILE B 75 -22.27 -24.35 -11.45
C ILE B 75 -21.83 -24.01 -10.01
N GLU B 76 -21.96 -22.77 -9.59
CA GLU B 76 -21.50 -22.37 -8.28
C GLU B 76 -22.56 -22.52 -7.21
N LYS B 77 -22.14 -22.68 -5.95
CA LYS B 77 -23.02 -22.48 -4.78
C LYS B 77 -22.53 -21.34 -3.93
N ILE B 78 -23.46 -20.79 -3.16
CA ILE B 78 -23.19 -19.66 -2.30
C ILE B 78 -23.66 -20.09 -0.95
N SER B 79 -22.81 -19.96 0.06
CA SER B 79 -23.32 -20.18 1.43
C SER B 79 -22.93 -19.15 2.47
N MET B 80 -23.93 -18.86 3.27
CA MET B 80 -23.82 -18.22 4.56
C MET B 80 -22.92 -19.08 5.42
N LEU B 81 -22.19 -18.42 6.32
CA LEU B 81 -21.40 -19.13 7.31
C LEU B 81 -22.16 -19.30 8.62
N GLU B 82 -21.91 -20.38 9.36
CA GLU B 82 -22.44 -20.51 10.72
C GLU B 82 -21.55 -19.80 11.76
N LYS B 83 -20.25 -20.05 11.71
CA LYS B 83 -19.31 -19.52 12.69
C LYS B 83 -17.93 -19.49 12.05
N ILE B 84 -17.10 -18.59 12.55
CA ILE B 84 -15.67 -18.49 12.21
C ILE B 84 -14.87 -18.90 13.42
N TYR B 85 -13.73 -19.53 13.18
CA TYR B 85 -12.82 -19.86 14.25
C TYR B 85 -11.39 -19.55 13.82
N ILE B 86 -10.76 -18.59 14.48
CA ILE B 86 -9.36 -18.23 14.19
C ILE B 86 -8.47 -18.99 15.17
N HIS B 87 -7.28 -19.39 14.73
CA HIS B 87 -6.32 -20.00 15.66
C HIS B 87 -6.08 -19.10 16.90
N PRO B 88 -6.19 -19.65 18.13
CA PRO B 88 -6.09 -18.72 19.27
C PRO B 88 -4.69 -18.07 19.46
N ARG B 89 -3.64 -18.74 19.01
CA ARG B 89 -2.30 -18.21 19.14
C ARG B 89 -1.81 -17.60 17.82
N TYR B 90 -2.75 -17.14 16.99
CA TYR B 90 -2.44 -16.45 15.74
C TYR B 90 -1.69 -15.14 15.98
N ASN B 91 -0.49 -15.01 15.41
CA ASN B 91 0.33 -13.85 15.73
C ASN B 91 0.41 -12.78 14.66
N TRP B 92 -0.56 -11.87 14.71
CA TRP B 92 -0.68 -10.78 13.76
C TRP B 92 0.23 -9.59 14.08
N ARG B 93 0.67 -9.52 15.33
CA ARG B 93 1.50 -8.43 15.84
C ARG B 93 2.87 -8.41 15.17
N GLU B 94 3.37 -9.59 14.79
CA GLU B 94 4.71 -9.68 14.28
C GLU B 94 4.80 -10.22 12.85
N ASN B 95 4.54 -11.51 12.69
CA ASN B 95 4.93 -12.24 11.49
C ASN B 95 3.80 -13.07 10.86
N LEU B 96 2.60 -12.97 11.42
CA LEU B 96 1.46 -13.82 11.02
C LEU B 96 1.67 -15.31 11.26
N ASP B 97 2.25 -15.66 12.40
CA ASP B 97 2.45 -17.04 12.79
C ASP B 97 1.09 -17.66 12.96
N ARG B 98 0.93 -18.92 12.57
CA ARG B 98 -0.31 -19.67 12.83
C ARG B 98 -1.52 -19.00 12.18
N ASP B 99 -1.38 -18.77 10.86
CA ASP B 99 -2.20 -17.86 10.12
C ASP B 99 -3.15 -18.80 9.50
N ILE B 100 -4.11 -19.22 10.30
CA ILE B 100 -5.07 -20.20 9.85
C ILE B 100 -6.40 -19.79 10.43
N ALA B 101 -7.51 -20.09 9.73
CA ALA B 101 -8.85 -20.03 10.35
C ALA B 101 -9.81 -21.06 9.81
N LEU B 102 -10.74 -21.50 10.63
CA LEU B 102 -11.81 -22.32 10.11
C LEU B 102 -13.14 -21.56 9.92
N MET B 103 -13.93 -21.99 8.95
CA MET B 103 -15.24 -21.43 8.75
C MET B 103 -16.21 -22.57 8.55
N LYS B 104 -17.33 -22.50 9.24
CA LYS B 104 -18.32 -23.55 9.18
C LYS B 104 -19.52 -23.09 8.39
N LEU B 105 -19.90 -23.86 7.39
CA LEU B 105 -21.12 -23.57 6.67
C LEU B 105 -22.40 -23.81 7.50
N LYS B 106 -23.46 -23.02 7.24
CA LYS B 106 -24.77 -23.21 7.89
C LYS B 106 -25.47 -24.49 7.46
N LYS B 107 -25.22 -24.88 6.23
CA LYS B 107 -25.83 -26.04 5.60
C LYS B 107 -24.72 -26.82 4.94
N PRO B 108 -24.81 -28.15 4.98
CA PRO B 108 -23.85 -28.92 4.20
C PRO B 108 -24.03 -28.63 2.71
N VAL B 109 -22.94 -28.49 1.97
CA VAL B 109 -22.98 -28.25 0.54
C VAL B 109 -22.98 -29.58 -0.19
N ALA B 110 -23.71 -29.66 -1.29
CA ALA B 110 -23.75 -30.83 -2.18
C ALA B 110 -22.53 -30.83 -3.09
N PHE B 111 -21.93 -31.99 -3.33
CA PHE B 111 -20.74 -32.04 -4.18
C PHE B 111 -21.14 -32.25 -5.62
N SER B 112 -20.21 -31.97 -6.52
CA SER B 112 -20.49 -32.07 -7.94
C SER B 112 -19.22 -32.04 -8.71
N ASP B 113 -19.35 -31.99 -10.04
CA ASP B 113 -18.23 -31.94 -10.95
C ASP B 113 -17.31 -30.78 -10.62
N TYR B 114 -17.85 -29.82 -9.85
CA TYR B 114 -17.14 -28.58 -9.53
C TYR B 114 -16.89 -28.32 -8.05
N ILE B 115 -17.51 -29.12 -7.21
CA ILE B 115 -17.41 -28.86 -5.79
C ILE B 115 -17.07 -30.20 -5.18
N HIS B 116 -15.80 -30.28 -4.70
CA HIS B 116 -15.20 -31.49 -4.09
C HIS B 116 -14.07 -31.12 -3.11
N PRO B 117 -14.02 -31.75 -1.93
CA PRO B 117 -13.05 -31.25 -0.96
C PRO B 117 -11.68 -31.82 -1.28
N VAL B 118 -10.69 -31.28 -0.61
CA VAL B 118 -9.35 -31.79 -0.72
C VAL B 118 -8.91 -32.47 0.60
N CYS B 119 -7.92 -33.37 0.53
CA CYS B 119 -7.37 -33.97 1.72
C CYS B 119 -6.48 -33.05 2.53
N LEU B 120 -6.44 -33.31 3.83
CA LEU B 120 -5.40 -32.72 4.63
C LEU B 120 -4.38 -33.79 4.83
N PRO B 121 -3.16 -33.39 5.13
CA PRO B 121 -2.17 -34.45 5.09
C PRO B 121 -2.00 -35.17 6.41
N ASP B 122 -1.50 -36.40 6.33
CA ASP B 122 -1.01 -37.16 7.48
C ASP B 122 0.49 -37.01 7.61
N ARG B 123 1.04 -37.51 8.72
CA ARG B 123 2.45 -37.27 9.08
C ARG B 123 3.38 -37.74 7.97
N GLU B 124 3.11 -38.96 7.49
CA GLU B 124 3.79 -39.59 6.39
C GLU B 124 3.71 -38.80 5.09
N THR B 125 2.50 -38.46 4.64
CA THR B 125 2.33 -37.69 3.42
C THR B 125 3.07 -36.37 3.54
N ALA B 126 2.96 -35.73 4.71
CA ALA B 126 3.80 -34.60 5.11
C ALA B 126 5.32 -34.83 4.91
N ALA B 127 5.90 -35.76 5.64
CA ALA B 127 7.32 -36.11 5.49
C ALA B 127 7.75 -36.26 4.02
N SER B 128 6.99 -37.04 3.27
CA SER B 128 7.34 -37.45 1.94
C SER B 128 7.36 -36.32 0.94
N LEU B 129 6.36 -35.47 1.01
CA LEU B 129 6.21 -34.47 -0.02
C LEU B 129 6.82 -33.11 0.28
N LEU B 130 6.97 -32.75 1.54
CA LEU B 130 7.52 -31.43 1.93
C LEU B 130 9.01 -31.43 1.89
N GLN B 131 9.55 -31.24 0.70
CA GLN B 131 10.97 -31.34 0.42
C GLN B 131 11.45 -30.25 -0.56
N ALA B 132 12.60 -29.68 -0.28
CA ALA B 132 13.14 -28.66 -1.16
C ALA B 132 13.05 -29.17 -2.58
N GLY B 133 12.41 -28.41 -3.46
CA GLY B 133 12.46 -28.77 -4.86
C GLY B 133 11.21 -29.47 -5.30
N TYR B 134 10.50 -30.09 -4.39
CA TYR B 134 9.29 -30.78 -4.78
C TYR B 134 8.29 -29.69 -5.06
N LYS B 135 7.48 -29.82 -6.10
CA LYS B 135 6.59 -28.71 -6.48
C LYS B 135 5.17 -28.91 -5.97
N GLY B 136 4.52 -27.80 -5.67
CA GLY B 136 3.08 -27.80 -5.41
C GLY B 136 2.36 -26.73 -6.26
N ARG B 137 1.06 -26.63 -6.07
CA ARG B 137 0.22 -25.78 -6.90
C ARG B 137 -0.56 -24.76 -6.06
N VAL B 138 -0.57 -23.50 -6.49
CA VAL B 138 -1.34 -22.40 -5.86
C VAL B 138 -2.36 -21.97 -6.93
N THR B 139 -3.64 -21.80 -6.54
CA THR B 139 -4.74 -21.35 -7.37
C THR B 139 -5.30 -20.09 -6.73
N GLY B 140 -5.79 -19.13 -7.53
CA GLY B 140 -6.39 -17.94 -6.94
C GLY B 140 -6.91 -17.00 -7.99
N TRP B 141 -7.84 -16.13 -7.56
CA TRP B 141 -8.31 -14.98 -8.36
C TRP B 141 -7.60 -13.65 -8.00
N GLY B 142 -6.44 -13.73 -7.36
CA GLY B 142 -5.67 -12.56 -6.99
C GLY B 142 -5.05 -11.78 -8.14
N ASN B 143 -4.47 -10.63 -7.79
CA ASN B 143 -3.75 -9.78 -8.76
C ASN B 143 -2.83 -10.49 -9.74
N LEU B 144 -2.95 -10.16 -11.03
CA LEU B 144 -1.94 -10.63 -12.01
C LEU B 144 -0.51 -10.08 -11.84
N LYS B 145 -0.37 -8.91 -11.21
CA LYS B 145 0.93 -8.21 -11.08
C LYS B 145 0.98 -7.62 -9.69
N GLU B 146 2.12 -6.99 -9.35
CA GLU B 146 2.31 -6.41 -8.01
C GLU B 146 1.44 -5.19 -7.70
N LYS B 154 -4.21 -4.07 -16.64
CA LYS B 154 -5.27 -4.92 -15.99
C LYS B 154 -4.81 -6.37 -15.83
N GLY B 155 -4.40 -6.79 -14.61
CA GLY B 155 -4.76 -6.22 -13.32
C GLY B 155 -5.38 -7.40 -12.54
N GLN B 156 -6.70 -7.57 -12.67
CA GLN B 156 -7.38 -8.73 -12.13
C GLN B 156 -7.62 -9.76 -13.26
N PRO B 157 -7.43 -11.05 -12.94
CA PRO B 157 -7.74 -12.05 -13.96
C PRO B 157 -9.24 -12.15 -14.20
N SER B 158 -9.57 -12.63 -15.37
CA SER B 158 -10.92 -13.02 -15.73
C SER B 158 -11.33 -14.40 -15.14
N VAL B 159 -10.40 -15.35 -15.03
CA VAL B 159 -10.68 -16.69 -14.48
C VAL B 159 -9.67 -17.17 -13.45
N LEU B 160 -10.09 -18.08 -12.59
CA LEU B 160 -9.17 -18.73 -11.65
C LEU B 160 -7.83 -18.91 -12.39
N GLN B 161 -6.75 -18.52 -11.71
CA GLN B 161 -5.38 -18.70 -12.20
C GLN B 161 -4.59 -19.76 -11.42
N VAL B 162 -3.70 -20.47 -12.12
CA VAL B 162 -2.88 -21.57 -11.50
C VAL B 162 -1.38 -21.39 -11.75
N VAL B 163 -0.56 -21.69 -10.76
CA VAL B 163 0.88 -21.78 -11.00
C VAL B 163 1.50 -22.93 -10.20
N ASN B 164 2.53 -23.58 -10.75
CA ASN B 164 3.18 -24.67 -9.99
C ASN B 164 4.48 -24.16 -9.47
N LEU B 165 4.74 -24.31 -8.16
CA LEU B 165 5.94 -23.73 -7.57
C LEU B 165 6.77 -24.72 -6.74
N PRO B 166 8.11 -24.61 -6.81
CA PRO B 166 9.00 -25.45 -5.98
C PRO B 166 9.04 -24.98 -4.53
N ILE B 167 9.05 -25.93 -3.62
CA ILE B 167 9.40 -25.62 -2.24
C ILE B 167 10.93 -25.29 -2.17
N VAL B 168 11.24 -24.28 -1.37
CA VAL B 168 12.56 -23.77 -1.17
C VAL B 168 13.04 -24.15 0.24
N GLU B 169 14.31 -24.53 0.34
CA GLU B 169 14.90 -24.96 1.61
C GLU B 169 14.93 -23.84 2.66
N ARG B 170 14.58 -24.20 3.91
CA ARG B 170 14.51 -23.28 5.05
C ARG B 170 15.59 -22.21 5.13
N PRO B 171 16.89 -22.60 4.97
CA PRO B 171 17.89 -21.52 5.08
C PRO B 171 17.70 -20.42 4.03
N VAL B 172 17.44 -20.80 2.79
CA VAL B 172 17.22 -19.82 1.75
C VAL B 172 16.07 -18.89 2.13
N CYS B 173 14.95 -19.47 2.57
CA CYS B 173 13.74 -18.71 2.98
C CYS B 173 14.05 -17.72 4.06
N LYS B 174 14.84 -18.17 5.03
CA LYS B 174 15.17 -17.42 6.21
C LYS B 174 16.02 -16.24 5.78
N ASP B 175 16.97 -16.50 4.89
CA ASP B 175 18.03 -15.56 4.57
C ASP B 175 17.62 -14.49 3.58
N SER B 176 16.39 -14.60 3.06
CA SER B 176 15.86 -13.66 2.06
C SER B 176 14.79 -12.67 2.56
N THR B 177 14.25 -12.88 3.76
CA THR B 177 13.43 -11.88 4.44
C THR B 177 14.11 -11.38 5.70
N ARG B 178 13.76 -10.18 6.17
CA ARG B 178 14.23 -9.77 7.49
C ARG B 178 13.16 -9.98 8.56
N ILE B 179 12.14 -10.78 8.24
CA ILE B 179 11.11 -11.19 9.21
C ILE B 179 11.40 -12.59 9.80
N ARG B 180 11.01 -12.79 11.06
CA ARG B 180 11.21 -14.04 11.80
C ARG B 180 10.26 -15.20 11.37
N ILE B 181 10.80 -16.09 10.54
CA ILE B 181 10.17 -17.34 10.10
C ILE B 181 9.90 -18.26 11.28
N THR B 182 8.71 -18.83 11.41
CA THR B 182 8.53 -19.88 12.41
C THR B 182 8.36 -21.20 11.69
N ASP B 183 8.44 -22.30 12.43
CA ASP B 183 8.26 -23.63 11.84
C ASP B 183 6.83 -23.90 11.35
N ASN B 184 5.94 -22.95 11.60
CA ASN B 184 4.57 -23.04 11.12
C ASN B 184 4.42 -22.45 9.71
N MET B 185 5.50 -21.92 9.16
CA MET B 185 5.54 -21.39 7.79
C MET B 185 6.44 -22.25 6.93
N PHE B 186 6.16 -22.31 5.63
CA PHE B 186 7.16 -22.72 4.62
C PHE B 186 7.14 -21.73 3.50
N CYS B 187 8.21 -21.70 2.70
CA CYS B 187 8.19 -20.77 1.64
C CYS B 187 8.34 -21.56 0.36
N ALA B 188 8.04 -20.95 -0.77
CA ALA B 188 8.07 -21.66 -2.03
C ALA B 188 8.09 -20.64 -3.13
N GLY B 189 8.76 -20.96 -4.21
CA GLY B 189 8.80 -20.05 -5.33
C GLY B 189 10.10 -20.42 -5.96
N TYR B 190 10.37 -19.94 -7.18
CA TYR B 190 11.69 -20.14 -7.86
C TYR B 190 12.70 -19.07 -7.50
N LYS B 191 13.97 -19.41 -7.68
CA LYS B 191 15.09 -18.55 -7.38
C LYS B 191 15.56 -17.80 -8.65
N PRO B 192 16.32 -16.72 -8.49
CA PRO B 192 16.57 -15.99 -9.72
C PRO B 192 17.30 -16.82 -10.78
N ASP B 193 18.31 -17.59 -10.38
CA ASP B 193 19.07 -18.40 -11.32
C ASP B 193 18.32 -19.62 -11.92
N GLU B 194 17.07 -19.84 -11.51
CA GLU B 194 16.28 -20.96 -12.03
C GLU B 194 15.39 -20.56 -13.19
N GLY B 195 15.39 -19.26 -13.49
CA GLY B 195 14.77 -18.74 -14.71
C GLY B 195 13.28 -18.53 -14.53
N LYS B 196 12.53 -19.64 -14.57
CA LYS B 196 11.07 -19.68 -14.36
C LYS B 196 10.53 -18.68 -13.33
N ARG B 197 9.34 -18.16 -13.53
CA ARG B 197 8.80 -17.14 -12.64
C ARG B 197 7.57 -17.69 -11.88
N GLY B 198 6.91 -16.89 -11.04
CA GLY B 198 5.65 -17.32 -10.44
C GLY B 198 5.43 -17.06 -8.96
N ASP B 199 4.28 -16.50 -8.61
CA ASP B 199 3.98 -16.21 -7.20
C ASP B 199 2.52 -15.94 -6.95
N ALA B 200 2.11 -16.11 -5.70
CA ALA B 200 0.76 -15.74 -5.26
C ALA B 200 0.81 -14.25 -5.05
N CYS B 201 -0.35 -13.59 -4.99
CA CYS B 201 -0.37 -12.15 -4.83
C CYS B 201 -1.56 -11.67 -3.98
N GLU B 202 -1.76 -10.35 -3.86
CA GLU B 202 -2.95 -9.89 -3.10
C GLU B 202 -4.28 -10.38 -3.71
N GLY B 203 -5.15 -10.92 -2.86
CA GLY B 203 -6.33 -11.53 -3.39
C GLY B 203 -6.15 -13.03 -3.40
N ASP B 204 -4.90 -13.50 -3.45
CA ASP B 204 -4.69 -14.92 -3.33
C ASP B 204 -4.66 -15.41 -1.88
N SER B 205 -4.53 -14.49 -0.91
CA SER B 205 -4.33 -14.85 0.52
C SER B 205 -5.38 -15.83 0.92
N GLY B 206 -5.00 -16.88 1.63
CA GLY B 206 -5.99 -17.72 2.22
C GLY B 206 -6.34 -18.87 1.36
N GLY B 207 -5.86 -18.85 0.12
CA GLY B 207 -6.13 -19.92 -0.85
C GLY B 207 -5.14 -21.06 -0.72
N PRO B 208 -5.35 -22.14 -1.49
CA PRO B 208 -4.55 -23.33 -1.17
C PRO B 208 -3.22 -23.58 -1.89
N PHE B 209 -2.29 -24.21 -1.21
CA PHE B 209 -1.09 -24.75 -1.84
C PHE B 209 -1.23 -26.27 -1.77
N VAL B 210 -1.52 -26.90 -2.90
CA VAL B 210 -1.78 -28.33 -2.89
C VAL B 210 -0.61 -29.21 -3.47
N MET B 211 -0.57 -30.48 -3.09
CA MET B 211 0.34 -31.40 -3.73
C MET B 211 -0.40 -32.68 -4.00
N LYS B 212 -0.08 -33.33 -5.11
CA LYS B 212 -0.65 -34.62 -5.46
C LYS B 212 0.21 -35.80 -5.01
N SER B 213 -0.30 -36.63 -4.08
CA SER B 213 0.44 -37.78 -3.59
C SER B 213 0.60 -38.83 -4.67
N PRO B 214 1.81 -39.38 -4.82
CA PRO B 214 1.93 -40.47 -5.78
C PRO B 214 1.66 -41.80 -5.14
N PHE B 215 1.42 -41.83 -3.84
CA PHE B 215 1.07 -43.09 -3.23
C PHE B 215 -0.38 -43.49 -3.48
N ASN B 216 -1.29 -42.52 -3.61
CA ASN B 216 -2.74 -42.78 -3.72
C ASN B 216 -3.50 -41.88 -4.69
N ASN B 217 -2.80 -40.97 -5.36
CA ASN B 217 -3.43 -40.12 -6.33
C ASN B 217 -4.35 -39.05 -5.82
N ARG B 218 -4.29 -38.74 -4.54
CA ARG B 218 -5.11 -37.68 -4.00
C ARG B 218 -4.35 -36.41 -3.84
N TRP B 219 -5.07 -35.31 -4.00
CA TRP B 219 -4.52 -33.97 -3.77
C TRP B 219 -4.68 -33.68 -2.29
N TYR B 220 -3.63 -33.10 -1.71
CA TYR B 220 -3.54 -32.78 -0.31
C TYR B 220 -3.15 -31.33 -0.27
N GLN B 221 -3.69 -30.61 0.71
CA GLN B 221 -3.40 -29.20 0.90
C GLN B 221 -2.27 -29.08 1.88
N MET B 222 -1.08 -28.75 1.42
CA MET B 222 0.04 -28.71 2.34
C MET B 222 0.17 -27.31 2.89
N GLY B 223 -0.38 -26.34 2.20
CA GLY B 223 -0.22 -24.94 2.60
C GLY B 223 -1.41 -24.04 2.30
N ILE B 224 -1.36 -22.82 2.84
CA ILE B 224 -2.38 -21.76 2.74
C ILE B 224 -1.60 -20.51 2.50
N VAL B 225 -2.01 -19.75 1.49
CA VAL B 225 -1.27 -18.53 1.16
C VAL B 225 -1.37 -17.57 2.32
N SER B 226 -0.21 -17.12 2.83
CA SER B 226 -0.18 -16.31 4.04
C SER B 226 0.36 -14.88 3.81
N TRP B 227 1.52 -14.77 3.15
CA TRP B 227 2.11 -13.45 2.94
C TRP B 227 3.35 -13.49 2.10
N GLY B 228 3.77 -12.33 1.61
CA GLY B 228 5.05 -12.19 0.95
C GLY B 228 5.39 -10.73 0.88
N GLU B 229 6.60 -10.40 0.43
CA GLU B 229 6.97 -8.99 0.23
C GLU B 229 6.93 -8.64 -1.26
N GLY B 230 6.05 -7.71 -1.65
CA GLY B 230 5.63 -7.61 -3.04
C GLY B 230 5.16 -8.97 -3.58
N CYS B 231 5.31 -9.13 -4.90
CA CYS B 231 4.83 -10.28 -5.64
C CYS B 231 5.76 -10.58 -6.74
N ASP B 232 6.29 -11.78 -6.73
CA ASP B 232 7.16 -12.28 -7.82
C ASP B 232 8.50 -11.54 -7.95
N ARG B 233 8.98 -10.90 -6.88
CA ARG B 233 10.25 -10.21 -6.92
C ARG B 233 11.41 -11.19 -6.81
N ASP B 234 12.47 -10.98 -7.61
CA ASP B 234 13.66 -11.84 -7.58
C ASP B 234 14.22 -11.89 -6.19
N GLY B 235 14.72 -13.06 -5.78
CA GLY B 235 15.34 -13.20 -4.48
C GLY B 235 14.34 -13.28 -3.33
N LYS B 236 13.04 -13.13 -3.63
CA LYS B 236 11.95 -13.24 -2.65
C LYS B 236 11.02 -14.43 -2.93
N TYR B 237 10.19 -14.75 -1.94
CA TYR B 237 9.42 -16.01 -1.95
C TYR B 237 8.05 -15.91 -1.28
N GLY B 238 7.13 -16.73 -1.71
CA GLY B 238 5.81 -16.70 -1.08
C GLY B 238 5.93 -17.47 0.22
N PHE B 239 5.32 -16.96 1.29
CA PHE B 239 5.23 -17.74 2.52
C PHE B 239 3.88 -18.41 2.68
N TYR B 240 3.90 -19.63 3.16
CA TYR B 240 2.67 -20.43 3.26
C TYR B 240 2.61 -21.03 4.62
N THR B 241 1.38 -21.16 5.09
CA THR B 241 1.08 -21.63 6.41
C THR B 241 1.16 -23.15 6.39
N HIS B 242 2.10 -23.71 7.15
CA HIS B 242 2.26 -25.15 7.30
C HIS B 242 1.04 -25.84 7.91
N VAL B 243 0.18 -26.41 7.08
CA VAL B 243 -1.09 -27.05 7.47
C VAL B 243 -0.96 -28.34 8.35
N PHE B 244 -0.02 -29.23 8.01
CA PHE B 244 0.19 -30.36 8.87
C PHE B 244 0.62 -29.99 10.29
N ARG B 245 1.48 -28.98 10.45
CA ARG B 245 1.91 -28.52 11.77
C ARG B 245 0.72 -28.09 12.63
N LEU B 246 -0.29 -27.53 11.99
CA LEU B 246 -1.45 -27.05 12.72
C LEU B 246 -2.67 -28.01 12.68
N LYS B 247 -2.46 -29.24 12.19
CA LYS B 247 -3.57 -30.17 11.96
C LYS B 247 -4.28 -30.61 13.22
N LYS B 248 -3.57 -30.70 14.33
CA LYS B 248 -4.23 -31.01 15.59
C LYS B 248 -5.28 -29.96 16.00
N TRP B 249 -5.01 -28.68 15.72
CA TRP B 249 -5.99 -27.64 16.02
C TRP B 249 -7.14 -27.77 15.01
N ILE B 250 -6.82 -27.98 13.73
CA ILE B 250 -7.89 -28.25 12.78
C ILE B 250 -8.88 -29.34 13.24
N GLN B 251 -8.36 -30.54 13.59
CA GLN B 251 -9.25 -31.64 14.04
C GLN B 251 -9.98 -31.32 15.29
N LYS B 252 -9.33 -30.69 16.30
CA LYS B 252 -9.98 -30.35 17.58
C LYS B 252 -11.21 -29.48 17.33
N VAL B 253 -11.05 -28.51 16.42
CA VAL B 253 -12.12 -27.64 16.08
C VAL B 253 -13.28 -28.34 15.35
N ILE B 254 -12.96 -29.08 14.31
CA ILE B 254 -13.97 -29.86 13.62
C ILE B 254 -14.78 -30.87 14.54
N ASP B 255 -14.10 -31.62 15.41
CA ASP B 255 -14.71 -32.71 16.08
C ASP B 255 -15.77 -32.15 17.01
N GLN B 256 -15.46 -31.05 17.67
CA GLN B 256 -16.39 -30.37 18.58
C GLN B 256 -17.44 -29.44 17.90
N PHE B 257 -17.17 -28.92 16.71
CA PHE B 257 -18.18 -28.06 16.06
C PHE B 257 -18.73 -28.57 14.73
N GLY B 258 -18.10 -29.64 14.20
CA GLY B 258 -18.67 -30.48 13.14
C GLY B 258 -19.97 -31.02 13.71
N GLU B 259 -21.09 -30.70 13.06
CA GLU B 259 -22.38 -31.13 13.59
C GLU B 259 -23.38 -31.42 12.48
N ALA C 7 30.01 -18.86 18.45
CA ALA C 7 31.13 -19.85 18.54
C ALA C 7 31.97 -19.84 17.26
N ASP C 8 31.65 -18.91 16.39
CA ASP C 8 31.97 -19.05 14.98
C ASP C 8 32.81 -17.87 14.50
N CYS C 9 33.41 -17.16 15.47
CA CYS C 9 34.06 -15.90 15.19
C CYS C 9 35.11 -16.05 14.12
N GLY C 10 35.18 -15.05 13.26
CA GLY C 10 36.26 -14.96 12.33
C GLY C 10 36.03 -15.84 11.12
N LEU C 11 34.89 -16.50 11.05
CA LEU C 11 34.65 -17.20 9.83
C LEU C 11 33.78 -16.39 8.86
N ARG C 12 34.41 -15.69 7.93
CA ARG C 12 33.60 -14.76 7.11
C ARG C 12 32.65 -15.56 6.26
N PRO C 13 31.35 -15.24 6.34
CA PRO C 13 30.29 -15.97 5.62
C PRO C 13 30.33 -15.92 4.10
N LEU C 14 30.87 -14.86 3.50
CA LEU C 14 30.96 -14.85 2.05
C LEU C 14 32.33 -15.27 1.57
N PHE C 15 33.15 -15.78 2.47
CA PHE C 15 34.51 -16.20 2.08
C PHE C 15 34.89 -17.56 2.64
N GLU C 16 35.01 -17.67 3.96
CA GLU C 16 35.48 -18.93 4.53
C GLU C 16 34.40 -19.98 4.56
N LYS C 17 33.16 -19.58 4.80
CA LYS C 17 32.06 -20.54 4.75
C LYS C 17 31.79 -21.00 3.34
N LYS C 18 32.42 -20.39 2.34
CA LYS C 18 32.17 -20.77 0.96
C LYS C 18 33.47 -21.23 0.35
N SER C 19 34.47 -21.39 1.22
CA SER C 19 35.87 -21.64 0.78
C SER C 19 36.20 -20.81 -0.46
N LEU C 20 35.95 -19.51 -0.33
CA LEU C 20 36.38 -18.50 -1.30
C LEU C 20 37.39 -17.58 -0.65
N GLU C 21 38.47 -17.29 -1.32
CA GLU C 21 39.44 -16.42 -0.71
C GLU C 21 39.29 -15.00 -1.22
N ASP C 22 39.71 -14.01 -0.41
CA ASP C 22 39.68 -12.63 -0.91
C ASP C 22 40.92 -12.32 -1.72
N LYS C 23 40.97 -11.13 -2.28
CA LYS C 23 42.02 -10.79 -3.25
C LYS C 23 43.41 -10.59 -2.65
N THR C 24 43.52 -10.44 -1.30
CA THR C 24 44.83 -10.17 -0.64
C THR C 24 45.22 -10.96 0.64
N GLU C 25 44.37 -11.84 1.13
CA GLU C 25 44.73 -12.59 2.34
C GLU C 25 45.94 -13.57 2.18
N ARG C 26 46.26 -13.89 0.92
CA ARG C 26 47.43 -14.66 0.64
C ARG C 26 48.70 -13.89 0.98
N GLU C 27 48.66 -12.57 0.79
CA GLU C 27 49.79 -11.75 1.09
C GLU C 27 50.09 -11.89 2.57
N LEU C 28 49.08 -11.93 3.43
CA LEU C 28 49.33 -12.21 4.83
C LEU C 28 50.08 -13.54 5.01
N LEU C 29 49.55 -14.59 4.40
CA LEU C 29 50.09 -15.92 4.58
C LEU C 29 51.49 -15.97 3.98
N GLU C 30 51.67 -15.41 2.78
CA GLU C 30 53.04 -15.23 2.27
C GLU C 30 54.01 -14.70 3.32
N SER C 31 53.55 -13.72 4.12
CA SER C 31 54.41 -13.05 5.11
C SER C 31 54.74 -13.91 6.31
N TYR C 32 53.82 -14.80 6.72
CA TYR C 32 54.03 -15.72 7.84
C TYR C 32 54.95 -16.89 7.48
N ILE C 33 55.16 -17.16 6.19
CA ILE C 33 55.95 -18.33 5.80
C ILE C 33 57.25 -18.00 5.11
N ASP C 34 57.29 -16.84 4.47
CA ASP C 34 58.48 -16.40 3.75
C ASP C 34 59.63 -15.89 4.64
N GLY C 35 60.80 -16.51 4.51
CA GLY C 35 62.04 -15.91 5.06
C GLY C 35 62.45 -14.63 4.31
N ILE D 1 42.56 5.38 5.47
CA ILE D 1 43.62 4.46 5.01
C ILE D 1 44.35 5.09 3.80
N VAL D 2 45.69 5.11 3.86
CA VAL D 2 46.50 5.61 2.79
C VAL D 2 47.06 4.46 1.98
N GLU D 3 47.17 4.64 0.66
CA GLU D 3 47.51 3.57 -0.31
C GLU D 3 46.86 2.19 -0.06
N GLY D 4 45.64 2.18 0.46
CA GLY D 4 44.85 0.94 0.54
C GLY D 4 43.99 0.77 -0.71
N SER D 5 42.91 -0.02 -0.58
CA SER D 5 42.03 -0.32 -1.73
C SER D 5 40.60 -0.60 -1.30
N ASP D 6 39.64 -0.46 -2.21
CA ASP D 6 38.25 -0.67 -1.81
C ASP D 6 38.15 -2.08 -1.23
N ALA D 7 37.45 -2.25 -0.14
CA ALA D 7 37.24 -3.58 0.38
C ALA D 7 36.35 -4.34 -0.59
N GLU D 8 36.40 -5.67 -0.58
CA GLU D 8 35.33 -6.43 -1.24
C GLU D 8 34.18 -6.56 -0.28
N ILE D 9 33.01 -6.86 -0.85
CA ILE D 9 31.79 -7.02 -0.07
C ILE D 9 32.05 -8.09 0.97
N GLY D 10 31.62 -7.82 2.21
CA GLY D 10 31.62 -8.84 3.26
C GLY D 10 32.98 -9.33 3.73
N MET D 11 34.02 -8.64 3.27
CA MET D 11 35.42 -8.96 3.50
C MET D 11 35.88 -8.69 4.93
N SER D 12 35.13 -7.88 5.64
CA SER D 12 35.50 -7.40 6.95
C SER D 12 34.16 -7.19 7.65
N PRO D 13 33.40 -8.28 7.85
CA PRO D 13 32.04 -8.17 8.39
C PRO D 13 31.92 -7.77 9.89
N TRP D 14 33.01 -7.74 10.63
CA TRP D 14 33.03 -7.26 11.98
C TRP D 14 33.33 -5.75 12.05
N GLN D 15 33.56 -5.12 10.89
CA GLN D 15 33.80 -3.68 10.85
C GLN D 15 32.57 -2.91 11.32
N VAL D 16 32.80 -2.00 12.25
CA VAL D 16 31.77 -1.12 12.75
C VAL D 16 32.12 0.36 12.53
N MET D 17 31.08 1.17 12.38
CA MET D 17 31.21 2.61 12.17
C MET D 17 30.60 3.22 13.40
N LEU D 18 31.40 4.02 14.09
CA LEU D 18 30.94 4.72 15.27
C LEU D 18 30.40 6.08 14.87
N PHE D 19 29.12 6.31 15.15
CA PHE D 19 28.38 7.42 14.57
C PHE D 19 27.72 8.37 15.61
N ARG D 20 28.00 9.66 15.45
CA ARG D 20 27.37 10.69 16.23
C ARG D 20 25.91 10.95 15.79
N LYS D 21 25.02 11.16 16.75
CA LYS D 21 23.61 11.31 16.47
C LYS D 21 23.36 12.69 15.89
N SER D 22 23.82 13.72 16.59
CA SER D 22 23.57 15.09 16.18
C SER D 22 24.71 15.98 16.65
N PRO D 23 25.46 16.58 15.72
CA PRO D 23 25.23 16.48 14.30
C PRO D 23 25.60 15.09 13.89
N GLN D 24 25.19 14.68 12.70
CA GLN D 24 25.59 13.40 12.15
C GLN D 24 27.06 13.46 11.76
N GLU D 25 27.80 12.38 12.06
CA GLU D 25 29.27 12.42 12.02
C GLU D 25 29.86 11.04 12.22
N LEU D 26 30.74 10.64 11.30
CA LEU D 26 31.58 9.46 11.49
C LEU D 26 32.65 9.82 12.52
N LEU D 27 32.61 9.15 13.67
CA LEU D 27 33.49 9.49 14.73
C LEU D 27 34.77 8.63 14.68
N CYS D 28 34.58 7.30 14.51
CA CYS D 28 35.66 6.32 14.58
C CYS D 28 35.28 5.00 13.94
N GLY D 29 36.23 4.08 13.94
CA GLY D 29 35.98 2.67 13.66
C GLY D 29 35.76 1.87 14.94
N ALA D 30 35.47 0.58 14.75
CA ALA D 30 35.08 -0.25 15.84
C ALA D 30 34.95 -1.67 15.33
N SER D 31 34.79 -2.66 16.20
CA SER D 31 34.68 -4.02 15.74
C SER D 31 33.68 -4.84 16.52
N LEU D 32 33.15 -5.86 15.86
CA LEU D 32 32.17 -6.72 16.48
C LEU D 32 32.88 -7.92 17.03
N ILE D 33 32.67 -8.22 18.32
CA ILE D 33 33.47 -9.27 18.99
C ILE D 33 32.61 -10.35 19.65
N SER D 34 31.35 -10.01 19.81
CA SER D 34 30.29 -10.95 20.05
C SER D 34 29.05 -10.23 19.54
N ASP D 35 27.87 -10.76 19.88
CA ASP D 35 26.68 -10.19 19.31
C ASP D 35 26.26 -8.94 20.07
N ARG D 36 26.84 -8.70 21.24
CA ARG D 36 26.35 -7.61 22.08
C ARG D 36 27.51 -6.71 22.51
N TRP D 37 28.67 -6.91 21.87
CA TRP D 37 29.90 -6.22 22.22
C TRP D 37 30.75 -5.69 21.08
N VAL D 38 31.07 -4.40 21.18
CA VAL D 38 31.85 -3.69 20.19
C VAL D 38 33.10 -3.07 20.84
N LEU D 39 34.20 -3.06 20.09
CA LEU D 39 35.50 -2.71 20.62
C LEU D 39 36.12 -1.55 19.81
N THR D 40 36.54 -0.52 20.53
CA THR D 40 37.10 0.64 19.88
C THR D 40 38.18 1.27 20.77
N ALA D 41 38.70 2.43 20.33
CA ALA D 41 39.75 3.16 21.07
C ALA D 41 39.19 4.11 22.12
N ALA D 42 39.80 4.12 23.29
CA ALA D 42 39.46 5.10 24.30
C ALA D 42 39.42 6.51 23.71
N HIS D 43 40.35 6.88 22.83
CA HIS D 43 40.44 8.27 22.42
C HIS D 43 39.27 8.75 21.54
N CYS D 44 38.61 7.82 20.86
CA CYS D 44 37.33 8.09 20.20
C CYS D 44 36.21 8.58 21.11
N LEU D 45 36.32 8.33 22.41
CA LEU D 45 35.22 8.65 23.35
C LEU D 45 35.64 9.71 24.34
N LEU D 46 36.86 9.57 24.88
CA LEU D 46 37.31 10.46 25.93
C LEU D 46 38.64 11.12 25.60
N TYR D 47 38.62 12.44 25.47
CA TYR D 47 39.84 13.18 25.24
C TYR D 47 39.69 14.63 25.69
N PRO D 48 39.63 14.84 27.00
CA PRO D 48 39.26 16.14 27.59
C PRO D 48 40.03 17.37 27.08
N PRO D 49 41.24 17.21 26.51
CA PRO D 49 41.83 18.42 25.93
C PRO D 49 41.17 18.88 24.62
N TRP D 50 40.41 18.04 23.92
CA TRP D 50 39.53 18.55 22.86
C TRP D 50 38.05 18.46 23.26
N ASP D 51 37.83 18.26 24.55
CA ASP D 51 36.48 18.18 25.12
C ASP D 51 35.70 17.02 24.55
N LYS D 52 36.42 15.95 24.23
CA LYS D 52 35.79 14.74 23.79
C LYS D 52 35.51 14.03 25.09
N ASN D 53 34.23 13.78 25.34
CA ASN D 53 33.81 12.99 26.47
C ASN D 53 32.37 12.59 26.22
N PHE D 54 32.20 11.46 25.54
CA PHE D 54 30.89 11.03 25.07
C PHE D 54 30.14 10.15 26.07
N THR D 55 28.85 10.41 26.23
CA THR D 55 27.94 9.44 26.81
C THR D 55 27.46 8.46 25.71
N GLU D 56 26.67 7.46 26.06
CA GLU D 56 26.25 6.47 25.07
C GLU D 56 25.04 6.92 24.29
N ASN D 57 24.31 7.86 24.90
CA ASN D 57 23.18 8.53 24.27
C ASN D 57 23.65 9.48 23.17
N ASP D 58 24.91 9.91 23.26
CA ASP D 58 25.47 10.72 22.19
C ASP D 58 25.70 9.88 20.90
N LEU D 59 25.77 8.54 21.02
CA LEU D 59 26.30 7.69 19.92
C LEU D 59 25.38 6.61 19.37
N LEU D 60 25.69 6.19 18.14
CA LEU D 60 25.11 5.04 17.45
C LEU D 60 26.27 4.25 16.90
N VAL D 61 26.09 2.94 16.77
CA VAL D 61 26.98 2.12 15.94
C VAL D 61 26.26 1.69 14.67
N ARG D 62 26.96 1.70 13.55
CA ARG D 62 26.39 1.15 12.33
C ARG D 62 27.27 -0.01 11.86
N ILE D 63 26.64 -1.18 11.78
CA ILE D 63 27.27 -2.44 11.38
C ILE D 63 26.77 -2.94 10.02
N GLY D 64 27.68 -3.44 9.19
CA GLY D 64 27.32 -4.09 7.93
C GLY D 64 27.67 -3.29 6.70
N LYS D 65 28.20 -2.10 6.91
CA LYS D 65 28.27 -1.14 5.82
C LYS D 65 29.47 -1.38 4.95
N HIS D 66 29.42 -0.76 3.79
CA HIS D 66 30.50 -0.76 2.85
C HIS D 66 30.69 0.74 2.51
N SER D 67 29.61 1.40 2.09
CA SER D 67 29.63 2.83 1.75
C SER D 67 29.78 3.75 2.98
N ARG D 68 30.53 4.84 2.85
CA ARG D 68 30.68 5.76 3.97
C ARG D 68 29.40 6.55 4.34
N THR D 69 28.59 6.92 3.35
CA THR D 69 27.56 7.92 3.61
C THR D 69 26.15 7.50 3.27
N ARG D 70 26.03 6.49 2.41
CA ARG D 70 24.76 6.05 1.86
C ARG D 70 24.10 5.17 2.91
N TYR D 71 22.77 5.13 2.94
CA TYR D 71 22.05 4.18 3.80
C TYR D 71 21.77 2.85 3.08
N GLU D 72 22.50 1.83 3.50
CA GLU D 72 22.43 0.52 2.87
C GLU D 72 21.23 -0.31 3.39
N ARG D 73 20.07 -0.05 2.81
CA ARG D 73 18.86 -0.77 3.18
C ARG D 73 19.08 -2.29 3.10
N ASN D 74 18.43 -3.04 3.99
CA ASN D 74 18.46 -4.52 4.03
C ASN D 74 19.85 -5.16 4.20
N ILE D 75 20.89 -4.33 4.25
CA ILE D 75 22.27 -4.76 4.43
C ILE D 75 22.79 -4.32 5.81
N GLU D 76 22.62 -3.06 6.16
CA GLU D 76 23.21 -2.54 7.40
C GLU D 76 22.25 -2.53 8.59
N LYS D 77 22.81 -2.64 9.79
CA LYS D 77 21.99 -2.55 11.00
C LYS D 77 22.43 -1.44 11.95
N ILE D 78 21.50 -0.85 12.66
CA ILE D 78 21.81 0.26 13.53
C ILE D 78 21.39 -0.07 14.95
N SER D 79 22.30 0.21 15.90
CA SER D 79 21.94 0.03 17.31
C SER D 79 22.46 1.16 18.16
N MET D 80 21.66 1.56 19.15
CA MET D 80 22.14 2.45 20.20
C MET D 80 22.94 1.59 21.19
N LEU D 81 23.55 2.25 22.18
CA LEU D 81 24.56 1.64 23.07
C LEU D 81 24.16 1.74 24.54
N GLU D 82 24.33 0.64 25.30
CA GLU D 82 23.89 0.60 26.71
C GLU D 82 24.85 1.28 27.69
N LYS D 83 26.10 0.82 27.72
CA LYS D 83 27.16 1.55 28.41
C LYS D 83 28.50 1.55 27.68
N ILE D 84 29.29 2.58 27.98
CA ILE D 84 30.67 2.70 27.51
C ILE D 84 31.55 2.36 28.71
N TYR D 85 32.68 1.71 28.43
CA TYR D 85 33.62 1.32 29.48
C TYR D 85 35.03 1.60 29.04
N ILE D 86 35.67 2.63 29.60
CA ILE D 86 37.06 3.00 29.26
C ILE D 86 38.11 2.39 30.23
N HIS D 87 39.33 2.15 29.72
CA HIS D 87 40.35 1.44 30.48
C HIS D 87 40.84 2.32 31.59
N PRO D 88 40.62 1.87 32.83
CA PRO D 88 40.75 2.69 34.02
C PRO D 88 42.09 3.42 34.16
N ARG D 89 43.13 2.95 33.45
CA ARG D 89 44.41 3.64 33.41
C ARG D 89 44.85 4.00 31.98
N TYR D 90 43.86 4.38 31.18
CA TYR D 90 44.08 5.03 29.90
C TYR D 90 44.71 6.40 30.14
N ASN D 91 45.90 6.58 29.57
CA ASN D 91 46.69 7.76 29.81
C ASN D 91 46.64 8.61 28.56
N TRP D 92 45.61 9.44 28.47
CA TRP D 92 45.53 10.47 27.43
C TRP D 92 46.50 11.60 27.71
N ARG D 93 46.93 11.72 28.96
CA ARG D 93 47.84 12.77 29.40
C ARG D 93 49.17 12.79 28.65
N GLU D 94 49.76 11.60 28.40
CA GLU D 94 51.05 11.50 27.70
C GLU D 94 50.94 10.94 26.29
N ASN D 95 50.82 9.61 26.22
CA ASN D 95 51.03 8.82 25.01
C ASN D 95 49.85 7.94 24.60
N LEU D 96 48.69 8.11 25.25
CA LEU D 96 47.53 7.28 24.94
C LEU D 96 47.76 5.82 25.27
N ASP D 97 48.46 5.56 26.37
CA ASP D 97 48.66 4.19 26.85
C ASP D 97 47.32 3.57 27.25
N ARG D 98 47.17 2.29 26.98
CA ARG D 98 45.92 1.58 27.20
C ARG D 98 44.77 2.25 26.47
N ASP D 99 45.01 2.56 25.20
CA ASP D 99 43.97 3.08 24.34
C ASP D 99 42.94 2.02 23.95
N ILE D 100 41.98 1.75 24.84
CA ILE D 100 40.97 0.74 24.59
C ILE D 100 39.65 1.07 25.31
N ALA D 101 38.54 0.54 24.77
CA ALA D 101 37.22 0.74 25.34
C ALA D 101 36.23 -0.25 24.74
N LEU D 102 35.18 -0.58 25.48
CA LEU D 102 34.14 -1.47 25.02
C LEU D 102 32.78 -0.80 25.10
N MET D 103 31.92 -1.11 24.14
CA MET D 103 30.53 -0.65 24.15
C MET D 103 29.54 -1.82 24.16
N LYS D 104 28.65 -1.88 25.14
CA LYS D 104 27.57 -2.90 25.12
C LYS D 104 26.42 -2.36 24.30
N LEU D 105 25.95 -3.16 23.34
CA LEU D 105 24.73 -2.78 22.62
C LEU D 105 23.50 -2.95 23.53
N LYS D 106 22.40 -2.27 23.22
CA LYS D 106 21.19 -2.49 24.03
C LYS D 106 20.55 -3.84 23.70
N LYS D 107 19.80 -3.93 22.60
CA LYS D 107 19.38 -5.22 22.06
C LYS D 107 20.63 -6.00 21.52
N PRO D 108 20.49 -7.31 21.19
CA PRO D 108 21.56 -8.01 20.48
C PRO D 108 21.47 -7.79 18.95
N VAL D 109 22.49 -8.13 18.17
CA VAL D 109 22.29 -8.14 16.72
C VAL D 109 22.08 -9.54 16.13
N ALA D 110 21.45 -9.57 14.95
CA ALA D 110 21.45 -10.74 14.12
C ALA D 110 22.69 -10.66 13.21
N PHE D 111 23.41 -11.78 13.09
CA PHE D 111 24.47 -11.92 12.12
C PHE D 111 23.85 -12.25 10.77
N SER D 112 24.65 -12.07 9.72
CA SER D 112 24.14 -12.21 8.38
C SER D 112 25.40 -12.17 7.59
N ASP D 113 25.31 -12.20 6.27
CA ASP D 113 26.46 -12.38 5.42
C ASP D 113 27.34 -11.15 5.56
N TYR D 114 26.78 -10.04 6.01
CA TYR D 114 27.54 -8.82 6.05
C TYR D 114 28.06 -8.36 7.41
N ILE D 115 27.52 -9.01 8.44
CA ILE D 115 27.75 -8.73 9.86
C ILE D 115 28.16 -10.05 10.59
N HIS D 116 29.38 -10.12 11.11
CA HIS D 116 29.91 -11.34 11.80
C HIS D 116 31.14 -11.02 12.67
N PRO D 117 31.22 -11.51 13.93
CA PRO D 117 32.33 -11.07 14.82
C PRO D 117 33.75 -11.51 14.45
N VAL D 118 34.74 -10.71 14.84
CA VAL D 118 36.15 -11.11 14.83
C VAL D 118 36.49 -11.97 16.07
N CYS D 119 37.65 -12.64 16.04
CA CYS D 119 38.00 -13.52 17.15
C CYS D 119 38.99 -12.77 18.05
N LEU D 120 38.89 -12.98 19.36
CA LEU D 120 39.92 -12.43 20.23
C LEU D 120 40.97 -13.50 20.43
N PRO D 121 42.26 -13.12 20.36
CA PRO D 121 43.39 -14.07 20.42
C PRO D 121 43.75 -14.56 21.81
N ASP D 122 44.18 -15.82 21.90
CA ASP D 122 44.72 -16.44 23.10
C ASP D 122 46.24 -16.30 23.12
N ARG D 123 46.86 -16.78 24.20
CA ARG D 123 48.30 -16.66 24.39
C ARG D 123 49.05 -17.20 23.19
N GLU D 124 48.65 -18.39 22.72
CA GLU D 124 49.34 -19.10 21.62
C GLU D 124 49.29 -18.32 20.34
N THR D 125 48.09 -17.99 19.89
CA THR D 125 47.94 -17.30 18.65
C THR D 125 48.76 -16.00 18.60
N ALA D 126 48.63 -15.20 19.65
CA ALA D 126 49.46 -14.01 19.88
C ALA D 126 50.95 -14.29 19.72
N ALA D 127 51.44 -15.27 20.45
CA ALA D 127 52.84 -15.62 20.37
C ALA D 127 53.21 -15.96 18.93
N SER D 128 52.42 -16.85 18.33
CA SER D 128 52.62 -17.36 16.98
C SER D 128 52.69 -16.29 15.92
N LEU D 129 51.88 -15.26 16.04
CA LEU D 129 51.62 -14.38 14.91
C LEU D 129 52.19 -13.00 15.06
N LEU D 130 52.45 -12.56 16.29
CA LEU D 130 52.98 -11.22 16.49
C LEU D 130 54.49 -11.20 16.29
N GLN D 131 54.92 -11.10 15.04
CA GLN D 131 56.34 -11.11 14.75
C GLN D 131 56.74 -10.11 13.65
N ALA D 132 57.92 -9.53 13.81
CA ALA D 132 58.41 -8.58 12.85
C ALA D 132 58.32 -9.22 11.48
N GLY D 133 57.54 -8.61 10.58
CA GLY D 133 57.46 -9.05 9.22
C GLY D 133 56.12 -9.68 8.93
N TYR D 134 55.49 -10.22 9.97
CA TYR D 134 54.20 -10.85 9.75
C TYR D 134 53.17 -9.72 9.59
N LYS D 135 52.42 -9.77 8.50
CA LYS D 135 51.49 -8.71 8.21
C LYS D 135 50.17 -8.95 8.86
N GLY D 136 49.47 -7.87 9.13
CA GLY D 136 48.06 -7.93 9.51
C GLY D 136 47.26 -6.96 8.61
N ARG D 137 45.96 -6.91 8.85
CA ARG D 137 45.07 -6.11 8.03
C ARG D 137 44.43 -4.91 8.78
N VAL D 138 44.36 -3.75 8.13
CA VAL D 138 43.60 -2.59 8.64
C VAL D 138 42.53 -2.09 7.63
N THR D 139 41.34 -1.71 8.10
CA THR D 139 40.19 -1.34 7.27
C THR D 139 39.61 -0.11 7.94
N GLY D 140 39.06 0.82 7.17
CA GLY D 140 38.34 1.90 7.81
C GLY D 140 37.87 2.89 6.78
N TRP D 141 37.05 3.85 7.20
CA TRP D 141 36.51 4.83 6.26
C TRP D 141 37.25 6.18 6.35
N GLY D 142 38.43 6.19 6.95
CA GLY D 142 39.15 7.40 7.26
C GLY D 142 39.83 8.07 6.08
N ASN D 143 40.60 9.14 6.35
CA ASN D 143 41.19 9.93 5.27
C ASN D 143 42.04 9.13 4.31
N LEU D 144 41.86 9.40 3.03
CA LEU D 144 42.75 8.89 2.00
C LEU D 144 44.21 9.42 2.07
N LYS D 145 44.40 10.60 2.66
CA LYS D 145 45.70 11.34 2.69
C LYS D 145 45.76 12.06 4.03
N GLU D 146 46.87 12.73 4.31
CA GLU D 146 47.04 13.47 5.57
C GLU D 146 46.62 14.92 5.40
N LYS D 154 38.37 13.90 -2.65
CA LYS D 154 39.75 13.31 -2.50
C LYS D 154 40.11 12.88 -1.07
N GLY D 155 39.76 13.69 -0.07
CA GLY D 155 40.09 13.36 1.31
C GLY D 155 39.44 12.08 1.83
N GLN D 156 38.21 11.84 1.38
CA GLN D 156 37.34 10.80 1.97
C GLN D 156 36.94 9.75 0.96
N PRO D 157 37.09 8.47 1.32
CA PRO D 157 36.74 7.41 0.40
C PRO D 157 35.23 7.25 0.34
N SER D 158 34.75 6.70 -0.76
CA SER D 158 33.34 6.41 -0.94
C SER D 158 32.94 5.06 -0.28
N VAL D 159 33.89 4.10 -0.22
CA VAL D 159 33.67 2.84 0.51
C VAL D 159 34.83 2.39 1.39
N LEU D 160 34.48 1.60 2.40
CA LEU D 160 35.40 0.91 3.27
C LEU D 160 36.71 0.63 2.57
N GLN D 161 37.79 0.94 3.26
CA GLN D 161 39.13 0.75 2.69
C GLN D 161 39.92 -0.32 3.41
N VAL D 162 40.79 -1.04 2.69
CA VAL D 162 41.65 -2.08 3.33
C VAL D 162 43.11 -1.90 2.98
N VAL D 163 44.01 -2.05 3.95
CA VAL D 163 45.43 -2.26 3.65
C VAL D 163 46.06 -3.34 4.57
N ASN D 164 47.03 -4.08 4.00
CA ASN D 164 47.86 -5.00 4.79
C ASN D 164 49.24 -4.42 5.01
N LEU D 165 49.69 -4.51 6.26
CA LEU D 165 50.94 -3.91 6.67
C LEU D 165 51.80 -4.84 7.51
N PRO D 166 53.13 -4.74 7.36
CA PRO D 166 54.00 -5.57 8.22
C PRO D 166 54.11 -4.99 9.61
N ILE D 167 54.09 -5.86 10.62
CA ILE D 167 54.50 -5.51 11.99
C ILE D 167 56.00 -5.21 12.03
N VAL D 168 56.36 -4.20 12.83
CA VAL D 168 57.72 -3.71 12.88
C VAL D 168 58.34 -4.00 14.26
N GLU D 169 59.59 -4.46 14.27
CA GLU D 169 60.30 -4.78 15.52
C GLU D 169 60.37 -3.60 16.49
N ARG D 170 60.23 -3.88 17.78
CA ARG D 170 60.04 -2.83 18.81
C ARG D 170 61.14 -1.77 18.89
N PRO D 171 62.41 -2.19 18.72
CA PRO D 171 63.42 -1.14 18.70
C PRO D 171 63.21 -0.09 17.60
N VAL D 172 62.75 -0.52 16.42
CA VAL D 172 62.66 0.36 15.27
C VAL D 172 61.56 1.37 15.56
N CYS D 173 60.48 0.89 16.17
CA CYS D 173 59.35 1.73 16.51
C CYS D 173 59.86 2.81 17.42
N LYS D 174 60.50 2.39 18.51
CA LYS D 174 61.01 3.28 19.54
C LYS D 174 61.99 4.27 18.96
N ASP D 175 62.90 3.82 18.11
CA ASP D 175 63.87 4.72 17.47
C ASP D 175 63.24 5.76 16.48
N SER D 176 61.97 5.59 16.13
CA SER D 176 61.28 6.40 15.10
C SER D 176 60.37 7.53 15.61
N THR D 177 59.87 7.35 16.83
CA THR D 177 59.10 8.38 17.51
C THR D 177 59.89 9.03 18.67
N ARG D 178 59.51 10.24 19.06
CA ARG D 178 60.03 10.93 20.24
C ARG D 178 59.19 10.57 21.50
N ILE D 179 58.05 9.92 21.25
CA ILE D 179 57.07 9.57 22.27
C ILE D 179 57.39 8.28 23.07
N ARG D 180 57.09 8.30 24.38
CA ARG D 180 57.22 7.11 25.25
C ARG D 180 56.28 5.99 24.83
N ILE D 181 56.87 4.97 24.21
CA ILE D 181 56.19 3.74 23.83
C ILE D 181 56.07 2.79 25.03
N THR D 182 55.02 1.98 25.06
CA THR D 182 54.83 1.11 26.21
C THR D 182 54.58 -0.25 25.65
N ASP D 183 54.66 -1.27 26.49
CA ASP D 183 54.39 -2.64 26.03
C ASP D 183 53.02 -2.76 25.39
N ASN D 184 52.04 -2.01 25.91
CA ASN D 184 50.66 -2.07 25.42
C ASN D 184 50.42 -1.55 24.01
N MET D 185 51.48 -1.15 23.31
CA MET D 185 51.32 -0.71 21.93
C MET D 185 52.18 -1.59 21.04
N PHE D 186 51.89 -1.62 19.75
CA PHE D 186 52.89 -2.06 18.80
C PHE D 186 52.80 -1.22 17.56
N CYS D 187 53.77 -1.32 16.69
CA CYS D 187 53.70 -0.52 15.49
C CYS D 187 53.77 -1.37 14.23
N ALA D 188 53.03 -1.00 13.20
CA ALA D 188 53.17 -1.65 11.91
C ALA D 188 53.31 -0.69 10.73
N GLY D 189 53.99 -1.14 9.68
CA GLY D 189 54.13 -0.36 8.46
C GLY D 189 55.39 -0.68 7.71
N TYR D 190 55.51 -0.16 6.50
CA TYR D 190 56.71 -0.36 5.69
C TYR D 190 57.78 0.67 6.05
N LYS D 191 59.04 0.27 6.00
CA LYS D 191 60.13 1.20 6.11
C LYS D 191 60.39 1.82 4.72
N PRO D 192 61.07 2.97 4.69
CA PRO D 192 61.24 3.69 3.43
C PRO D 192 61.90 2.83 2.32
N ASP D 193 62.86 2.00 2.71
CA ASP D 193 63.55 1.07 1.80
C ASP D 193 62.80 -0.24 1.41
N GLU D 194 61.67 -0.55 2.06
CA GLU D 194 60.82 -1.68 1.61
C GLU D 194 60.06 -1.35 0.33
N GLY D 195 59.92 -0.06 0.02
CA GLY D 195 59.31 0.37 -1.23
C GLY D 195 57.83 0.66 -1.13
N LYS D 196 57.07 -0.35 -0.72
CA LYS D 196 55.62 -0.26 -0.54
C LYS D 196 55.26 0.82 0.51
N ARG D 197 54.01 1.27 0.46
CA ARG D 197 53.51 2.37 1.30
C ARG D 197 52.22 1.85 1.93
N GLY D 198 51.56 2.67 2.77
CA GLY D 198 50.33 2.29 3.47
C GLY D 198 50.27 2.65 4.95
N ASP D 199 49.06 3.03 5.44
CA ASP D 199 48.87 3.46 6.84
C ASP D 199 47.42 3.68 7.15
N ALA D 200 47.07 3.61 8.42
CA ALA D 200 45.77 4.06 8.91
C ALA D 200 45.89 5.55 8.93
N CYS D 201 44.79 6.26 8.70
CA CYS D 201 44.80 7.74 8.84
C CYS D 201 43.62 8.23 9.70
N GLU D 202 43.42 9.55 9.71
CA GLU D 202 42.37 10.23 10.44
C GLU D 202 40.97 9.71 10.13
N GLY D 203 40.29 9.13 11.13
CA GLY D 203 38.95 8.61 10.96
C GLY D 203 38.97 7.10 10.96
N ASP D 204 40.17 6.50 10.89
CA ASP D 204 40.34 5.03 11.03
C ASP D 204 40.45 4.61 12.51
N SER D 205 40.83 5.56 13.36
CA SER D 205 40.84 5.37 14.84
C SER D 205 39.79 4.38 15.41
N GLY D 206 40.22 3.41 16.19
CA GLY D 206 39.23 2.53 16.83
C GLY D 206 38.92 1.30 16.01
N GLY D 207 39.46 1.28 14.80
CA GLY D 207 39.27 0.18 13.86
C GLY D 207 40.24 -0.95 14.12
N PRO D 208 40.01 -2.12 13.49
CA PRO D 208 40.81 -3.34 13.78
C PRO D 208 42.08 -3.52 12.91
N PHE D 209 43.12 -4.09 13.52
CA PHE D 209 44.26 -4.56 12.77
C PHE D 209 44.15 -6.06 12.98
N VAL D 210 43.86 -6.77 11.89
CA VAL D 210 43.59 -8.22 12.03
C VAL D 210 44.61 -9.09 11.30
N MET D 211 44.58 -10.38 11.62
CA MET D 211 45.48 -11.37 11.06
C MET D 211 44.73 -12.66 10.97
N LYS D 212 45.04 -13.43 9.94
CA LYS D 212 44.35 -14.71 9.72
C LYS D 212 45.21 -15.89 10.14
N SER D 213 44.67 -16.71 11.04
CA SER D 213 45.45 -17.80 11.61
C SER D 213 45.46 -18.98 10.66
N PRO D 214 46.64 -19.56 10.40
CA PRO D 214 46.73 -20.72 9.52
C PRO D 214 46.51 -22.02 10.24
N PHE D 215 46.41 -21.99 11.57
CA PHE D 215 46.10 -23.21 12.34
C PHE D 215 44.64 -23.60 12.26
N ASN D 216 43.75 -22.61 12.11
CA ASN D 216 42.29 -22.82 12.15
C ASN D 216 41.48 -21.95 11.20
N ASN D 217 42.14 -21.12 10.40
CA ASN D 217 41.50 -20.32 9.36
C ASN D 217 40.61 -19.19 9.82
N ARG D 218 40.82 -18.69 11.03
CA ARG D 218 39.88 -17.76 11.60
C ARG D 218 40.61 -16.48 11.73
N TRP D 219 39.91 -15.36 11.54
CA TRP D 219 40.51 -14.04 11.79
C TRP D 219 40.51 -13.59 13.26
N TYR D 220 41.64 -13.08 13.72
CA TYR D 220 41.79 -12.51 15.04
C TYR D 220 42.19 -11.04 14.99
N GLN D 221 41.69 -10.31 15.99
CA GLN D 221 41.95 -8.90 16.16
C GLN D 221 43.13 -8.71 17.11
N MET D 222 44.23 -8.17 16.60
CA MET D 222 45.44 -8.17 17.39
C MET D 222 45.69 -6.74 17.92
N GLY D 223 45.19 -5.76 17.15
CA GLY D 223 45.35 -4.36 17.46
C GLY D 223 44.09 -3.57 17.18
N ILE D 224 44.08 -2.31 17.65
CA ILE D 224 43.00 -1.36 17.49
C ILE D 224 43.76 -0.10 17.11
N VAL D 225 43.50 0.47 15.92
CA VAL D 225 44.13 1.73 15.50
C VAL D 225 44.06 2.77 16.62
N SER D 226 45.17 3.44 16.88
CA SER D 226 45.30 4.28 18.06
C SER D 226 45.96 5.62 17.82
N TRP D 227 47.16 5.63 17.25
CA TRP D 227 47.86 6.88 16.97
C TRP D 227 49.03 6.82 15.97
N GLY D 228 49.40 7.99 15.46
CA GLY D 228 50.43 8.13 14.45
C GLY D 228 50.79 9.58 14.23
N GLU D 229 52.06 9.86 14.03
CA GLU D 229 52.50 11.22 13.69
C GLU D 229 52.23 11.37 12.18
N GLY D 230 51.25 12.21 11.84
CA GLY D 230 50.76 12.29 10.45
C GLY D 230 50.28 10.95 9.89
N CYS D 231 50.27 10.83 8.57
CA CYS D 231 49.78 9.62 7.92
C CYS D 231 50.74 9.26 6.84
N ASP D 232 51.28 8.05 6.89
CA ASP D 232 52.13 7.46 5.85
C ASP D 232 53.44 8.22 5.66
N ARG D 233 53.98 8.78 6.73
CA ARG D 233 55.23 9.49 6.55
C ARG D 233 56.45 8.53 6.55
N ASP D 234 57.43 8.80 5.68
CA ASP D 234 58.63 7.97 5.62
C ASP D 234 59.36 8.01 6.96
N GLY D 235 59.81 6.85 7.42
CA GLY D 235 60.41 6.71 8.77
C GLY D 235 59.40 6.71 9.92
N LYS D 236 58.11 6.76 9.61
CA LYS D 236 57.09 6.78 10.67
C LYS D 236 56.17 5.54 10.65
N TYR D 237 55.64 5.14 11.80
CA TYR D 237 54.77 3.95 11.82
C TYR D 237 53.44 4.25 12.50
N GLY D 238 52.39 3.54 12.11
CA GLY D 238 51.10 3.57 12.81
C GLY D 238 51.20 2.74 14.07
N PHE D 239 50.62 3.23 15.15
CA PHE D 239 50.71 2.50 16.41
C PHE D 239 49.35 1.94 16.69
N TYR D 240 49.33 0.67 17.09
CA TYR D 240 48.09 -0.04 17.36
C TYR D 240 48.15 -0.40 18.83
N THR D 241 47.00 -0.28 19.50
CA THR D 241 46.80 -0.84 20.83
C THR D 241 46.97 -2.36 20.84
N HIS D 242 47.84 -2.88 21.71
CA HIS D 242 48.11 -4.34 21.77
C HIS D 242 47.02 -5.15 22.56
N VAL D 243 46.09 -5.76 21.82
CA VAL D 243 44.83 -6.30 22.35
C VAL D 243 45.00 -7.41 23.32
N PHE D 244 45.84 -8.38 22.96
CA PHE D 244 46.05 -9.54 23.84
C PHE D 244 46.56 -9.16 25.25
N ARG D 245 47.51 -8.22 25.29
CA ARG D 245 48.08 -7.70 26.54
C ARG D 245 46.95 -7.20 27.41
N LEU D 246 45.83 -6.85 26.75
CA LEU D 246 44.74 -6.20 27.41
C LEU D 246 43.53 -7.13 27.52
N LYS D 247 43.58 -8.28 26.82
CA LYS D 247 42.48 -9.26 26.88
C LYS D 247 42.09 -9.62 28.32
N LYS D 248 42.97 -9.43 29.30
CA LYS D 248 42.58 -9.63 30.73
C LYS D 248 41.56 -8.58 31.23
N TRP D 249 41.79 -7.32 30.86
CA TRP D 249 40.78 -6.24 31.01
C TRP D 249 39.50 -6.46 30.19
N ILE D 250 39.66 -6.82 28.90
CA ILE D 250 38.51 -7.10 28.04
C ILE D 250 37.49 -8.12 28.62
N GLN D 251 37.93 -8.98 29.54
CA GLN D 251 37.06 -10.06 30.01
C GLN D 251 36.67 -9.90 31.46
N LYS D 252 37.45 -9.10 32.18
CA LYS D 252 37.09 -8.72 33.52
C LYS D 252 35.74 -8.05 33.38
N VAL D 253 35.62 -7.29 32.28
CA VAL D 253 34.38 -6.56 31.92
C VAL D 253 33.28 -7.53 31.41
N ILE D 254 33.59 -8.25 30.33
CA ILE D 254 32.58 -8.97 29.55
C ILE D 254 31.67 -9.98 30.26
N ASP D 255 32.16 -10.79 31.18
CA ASP D 255 31.16 -11.32 32.10
C ASP D 255 31.22 -10.86 33.56
N GLN D 256 31.10 -9.55 33.68
CA GLN D 256 30.46 -8.95 34.81
C GLN D 256 29.04 -8.62 34.34
N PHE D 257 28.88 -8.10 33.12
CA PHE D 257 27.57 -7.82 32.53
C PHE D 257 27.32 -8.60 31.25
N ALA E 7 -9.75 27.68 -10.80
CA ALA E 7 -9.97 29.10 -10.42
C ALA E 7 -10.60 29.25 -9.02
N ASP E 8 -10.90 28.13 -8.36
CA ASP E 8 -11.55 28.16 -7.03
C ASP E 8 -10.52 27.84 -5.92
N CYS E 9 -9.25 28.07 -6.21
CA CYS E 9 -8.17 27.63 -5.33
C CYS E 9 -8.21 28.24 -3.93
N GLY E 10 -7.57 27.54 -3.00
CA GLY E 10 -7.40 27.99 -1.62
C GLY E 10 -8.68 28.11 -0.79
N LEU E 11 -9.80 27.58 -1.25
CA LEU E 11 -11.00 27.66 -0.43
C LEU E 11 -11.42 26.28 0.03
N ARG E 12 -11.33 26.07 1.34
CA ARG E 12 -11.44 24.72 1.87
C ARG E 12 -12.91 24.40 2.06
N PRO E 13 -13.39 23.37 1.34
CA PRO E 13 -14.76 22.92 1.39
C PRO E 13 -15.27 22.81 2.81
N LEU E 14 -14.43 22.26 3.66
CA LEU E 14 -14.80 21.95 5.02
C LEU E 14 -14.53 23.13 5.95
N PHE E 15 -14.02 24.24 5.42
CA PHE E 15 -13.76 25.43 6.27
C PHE E 15 -14.33 26.74 5.71
N GLU E 16 -13.62 27.38 4.76
CA GLU E 16 -14.04 28.64 4.10
C GLU E 16 -15.40 28.61 3.38
N LYS E 17 -15.71 27.49 2.74
CA LYS E 17 -17.00 27.33 2.11
C LYS E 17 -18.12 27.22 3.12
N LYS E 18 -17.78 26.81 4.33
CA LYS E 18 -18.76 26.55 5.38
C LYS E 18 -18.67 27.67 6.39
N SER E 19 -17.83 28.67 6.11
CA SER E 19 -17.61 29.80 7.03
C SER E 19 -17.12 29.34 8.41
N LEU E 20 -16.22 28.35 8.40
CA LEU E 20 -15.63 27.84 9.62
C LEU E 20 -14.12 28.12 9.73
N GLU E 21 -13.67 28.19 10.96
CA GLU E 21 -12.27 28.46 11.19
C GLU E 21 -11.59 27.27 11.85
N ASP E 22 -10.54 26.80 11.18
CA ASP E 22 -9.66 25.75 11.68
C ASP E 22 -8.99 26.21 13.00
N LYS E 23 -8.36 25.29 13.72
CA LYS E 23 -7.92 25.56 15.09
C LYS E 23 -6.84 26.64 15.28
N THR E 24 -6.11 27.02 14.22
CA THR E 24 -4.96 27.95 14.39
C THR E 24 -4.74 29.02 13.33
N GLU E 25 -5.54 29.10 12.28
CA GLU E 25 -5.31 30.12 11.24
C GLU E 25 -5.33 31.60 11.73
N ARG E 26 -5.77 31.76 12.95
CA ARG E 26 -5.95 33.02 13.61
C ARG E 26 -4.60 33.54 14.00
N GLU E 27 -3.71 32.58 14.26
CA GLU E 27 -2.39 32.83 14.74
C GLU E 27 -1.62 33.39 13.55
N LEU E 28 -1.96 32.94 12.35
CA LEU E 28 -1.38 33.53 11.17
C LEU E 28 -1.84 34.98 11.15
N LEU E 29 -3.14 35.19 11.25
CA LEU E 29 -3.67 36.55 11.18
C LEU E 29 -3.00 37.46 12.21
N GLU E 30 -3.03 37.06 13.48
CA GLU E 30 -2.37 37.81 14.53
C GLU E 30 -0.96 38.27 14.08
N SER E 31 -0.24 37.41 13.36
CA SER E 31 1.14 37.71 12.98
C SER E 31 1.22 38.74 11.84
N TYR E 32 0.15 38.85 11.05
CA TYR E 32 0.12 39.90 10.03
C TYR E 32 -0.22 41.26 10.65
N ILE E 33 -0.97 41.25 11.74
CA ILE E 33 -1.54 42.47 12.30
C ILE E 33 -0.70 43.10 13.39
N ASP E 34 -0.06 42.27 14.20
CA ASP E 34 0.62 42.77 15.37
C ASP E 34 2.04 43.28 15.08
N GLY E 35 2.47 44.32 15.81
CA GLY E 35 3.77 44.96 15.60
C GLY E 35 4.98 44.06 15.76
N ILE F 1 7.13 16.70 10.56
CA ILE F 1 7.00 17.89 11.44
C ILE F 1 7.35 17.63 12.91
N VAL F 2 8.20 18.50 13.46
CA VAL F 2 8.69 18.42 14.84
C VAL F 2 7.95 19.49 15.60
N GLU F 3 7.42 19.09 16.75
CA GLU F 3 6.73 19.95 17.70
C GLU F 3 5.61 20.71 17.06
N GLY F 4 5.00 20.10 16.07
CA GLY F 4 3.75 20.59 15.55
C GLY F 4 2.67 19.75 16.20
N SER F 5 1.52 19.64 15.55
CA SER F 5 0.46 18.79 16.03
C SER F 5 -0.39 18.25 14.88
N ASP F 6 -1.38 17.41 15.27
CA ASP F 6 -2.39 16.80 14.39
C ASP F 6 -3.19 17.75 13.53
N ALA F 7 -3.18 17.50 12.22
CA ALA F 7 -4.10 18.19 11.30
C ALA F 7 -5.52 17.82 11.64
N GLU F 8 -6.45 18.78 11.51
CA GLU F 8 -7.86 18.46 11.56
C GLU F 8 -8.21 17.96 10.18
N ILE F 9 -9.25 17.15 10.10
CA ILE F 9 -9.69 16.61 8.83
C ILE F 9 -9.99 17.73 7.82
N GLY F 10 -9.38 17.67 6.64
CA GLY F 10 -9.73 18.56 5.55
C GLY F 10 -9.11 19.93 5.69
N MET F 11 -8.20 20.08 6.64
CA MET F 11 -7.56 21.36 6.94
C MET F 11 -6.51 21.74 5.93
N SER F 12 -6.10 20.77 5.14
CA SER F 12 -5.04 21.02 4.23
C SER F 12 -5.33 20.16 3.03
N PRO F 13 -6.51 20.38 2.43
CA PRO F 13 -7.05 19.48 1.41
C PRO F 13 -6.18 19.41 0.14
N TRP F 14 -5.17 20.28 -0.01
CA TRP F 14 -4.29 20.26 -1.18
C TRP F 14 -3.08 19.38 -0.96
N GLN F 15 -2.82 19.00 0.29
CA GLN F 15 -1.67 18.13 0.65
C GLN F 15 -1.69 16.80 -0.12
N VAL F 16 -0.52 16.47 -0.68
CA VAL F 16 -0.31 15.24 -1.45
C VAL F 16 0.85 14.39 -0.86
N MET F 17 0.58 13.10 -0.63
CA MET F 17 1.65 12.14 -0.36
C MET F 17 2.26 11.57 -1.63
N LEU F 18 3.55 11.79 -1.85
CA LEU F 18 4.29 11.19 -2.95
C LEU F 18 4.76 9.78 -2.53
N PHE F 19 4.57 8.78 -3.41
CA PHE F 19 4.56 7.36 -2.99
C PHE F 19 5.13 6.36 -3.99
N ARG F 20 6.26 5.78 -3.63
CA ARG F 20 6.98 4.82 -4.45
C ARG F 20 6.26 3.48 -4.52
N LYS F 21 6.18 2.93 -5.74
CA LYS F 21 5.46 1.71 -6.07
C LYS F 21 6.07 0.48 -5.43
N SER F 22 7.34 0.21 -5.74
CA SER F 22 8.00 -1.01 -5.30
C SER F 22 9.48 -0.84 -5.02
N PRO F 23 9.88 -0.94 -3.74
CA PRO F 23 9.02 -1.28 -2.60
C PRO F 23 8.04 -0.15 -2.26
N GLN F 24 6.98 -0.46 -1.54
CA GLN F 24 5.97 0.54 -1.11
C GLN F 24 6.52 1.42 0.03
N GLU F 25 6.74 2.72 -0.22
CA GLU F 25 7.31 3.66 0.77
C GLU F 25 6.91 5.14 0.51
N LEU F 26 6.70 5.90 1.58
CA LEU F 26 6.48 7.34 1.51
C LEU F 26 7.76 8.01 1.10
N LEU F 27 7.70 8.86 0.07
CA LEU F 27 8.91 9.43 -0.51
C LEU F 27 9.09 10.86 -0.05
N CYS F 28 7.97 11.58 -0.06
CA CYS F 28 7.93 12.99 0.10
C CYS F 28 6.48 13.49 0.19
N GLY F 29 6.33 14.71 0.68
CA GLY F 29 5.10 15.48 0.54
C GLY F 29 5.03 16.18 -0.81
N ALA F 30 3.85 16.72 -1.11
CA ALA F 30 3.57 17.44 -2.36
C ALA F 30 2.31 18.27 -2.20
N SER F 31 1.97 19.10 -3.20
CA SER F 31 0.75 19.90 -3.16
C SER F 31 -0.09 19.86 -4.45
N LEU F 32 -1.41 19.78 -4.28
CA LEU F 32 -2.34 19.87 -5.43
C LEU F 32 -2.58 21.33 -5.80
N ILE F 33 -2.37 21.68 -7.07
CA ILE F 33 -2.51 23.07 -7.54
C ILE F 33 -3.45 23.29 -8.72
N SER F 34 -3.83 22.20 -9.39
CA SER F 34 -5.00 22.16 -10.28
C SER F 34 -5.61 20.73 -10.18
N ASP F 35 -6.62 20.42 -11.01
CA ASP F 35 -7.09 19.05 -11.08
C ASP F 35 -6.09 18.15 -11.79
N ARG F 36 -5.06 18.75 -12.41
CA ARG F 36 -4.13 17.91 -13.17
C ARG F 36 -2.63 18.04 -12.92
N TRP F 37 -2.27 18.91 -11.98
CA TRP F 37 -0.86 19.19 -11.61
C TRP F 37 -0.54 19.19 -10.10
N VAL F 38 0.56 18.52 -9.77
CA VAL F 38 1.07 18.41 -8.41
C VAL F 38 2.43 19.05 -8.32
N LEU F 39 2.62 19.84 -7.26
CA LEU F 39 3.88 20.56 -7.02
C LEU F 39 4.65 19.89 -5.92
N THR F 40 5.98 19.84 -6.10
CA THR F 40 6.90 19.24 -5.13
C THR F 40 8.34 19.72 -5.25
N ALA F 41 9.22 19.19 -4.38
CA ALA F 41 10.66 19.53 -4.39
C ALA F 41 11.37 18.65 -5.37
N ALA F 42 12.26 19.25 -6.15
CA ALA F 42 13.03 18.51 -7.11
C ALA F 42 13.94 17.47 -6.43
N HIS F 43 14.39 17.72 -5.20
CA HIS F 43 15.26 16.71 -4.53
C HIS F 43 14.48 15.42 -4.11
N CYS F 44 13.16 15.50 -4.07
CA CYS F 44 12.31 14.32 -3.89
C CYS F 44 12.43 13.35 -5.06
N LEU F 45 12.70 13.89 -6.25
CA LEU F 45 12.68 13.14 -7.50
C LEU F 45 14.07 12.83 -8.03
N LEU F 46 15.02 13.72 -7.74
CA LEU F 46 16.35 13.55 -8.29
C LEU F 46 17.42 14.05 -7.32
N TYR F 47 18.32 13.15 -6.96
CA TYR F 47 19.50 13.50 -6.15
C TYR F 47 20.63 12.50 -6.43
N PRO F 48 21.43 12.73 -7.49
CA PRO F 48 22.47 11.77 -7.92
C PRO F 48 23.44 11.22 -6.84
N PRO F 49 23.76 11.99 -5.79
CA PRO F 49 24.71 11.45 -4.81
C PRO F 49 24.14 10.27 -4.04
N TRP F 50 22.81 10.10 -4.08
CA TRP F 50 22.17 8.93 -3.47
C TRP F 50 21.45 8.03 -4.48
N ASP F 51 21.90 8.11 -5.73
CA ASP F 51 21.42 7.21 -6.75
C ASP F 51 19.94 7.43 -7.02
N LYS F 52 19.39 8.53 -6.51
CA LYS F 52 17.96 8.79 -6.63
C LYS F 52 17.62 9.41 -7.98
N ASN F 53 16.65 8.83 -8.67
CA ASN F 53 16.19 9.33 -9.98
C ASN F 53 14.93 8.58 -10.41
N PHE F 54 13.81 9.00 -9.85
CA PHE F 54 12.52 8.40 -10.18
C PHE F 54 11.95 8.95 -11.48
N THR F 55 11.14 8.16 -12.16
CA THR F 55 10.42 8.67 -13.31
C THR F 55 8.92 8.46 -13.09
N GLU F 56 8.13 9.01 -14.00
CA GLU F 56 6.71 8.68 -14.15
C GLU F 56 6.36 7.28 -13.61
N ASN F 57 6.87 6.24 -14.29
CA ASN F 57 6.59 4.83 -13.99
C ASN F 57 6.89 4.45 -12.54
N ASP F 58 7.81 5.19 -11.91
CA ASP F 58 8.36 4.76 -10.65
C ASP F 58 7.45 4.93 -9.42
N LEU F 59 6.47 5.84 -9.49
CA LEU F 59 5.70 6.23 -8.31
C LEU F 59 4.28 6.67 -8.58
N LEU F 60 3.51 6.78 -7.49
CA LEU F 60 2.14 7.28 -7.52
C LEU F 60 2.06 8.49 -6.57
N VAL F 61 0.92 9.19 -6.59
CA VAL F 61 0.62 10.29 -5.67
C VAL F 61 -0.72 9.93 -5.04
N ARG F 62 -0.87 10.22 -3.75
CA ARG F 62 -2.14 9.94 -3.09
C ARG F 62 -2.65 11.25 -2.52
N ILE F 63 -3.90 11.58 -2.85
CA ILE F 63 -4.48 12.84 -2.51
C ILE F 63 -5.69 12.59 -1.63
N GLY F 64 -5.91 13.43 -0.65
CA GLY F 64 -7.08 13.30 0.21
C GLY F 64 -6.78 12.66 1.53
N LYS F 65 -5.49 12.37 1.76
CA LYS F 65 -5.16 11.47 2.86
C LYS F 65 -5.18 12.13 4.26
N HIS F 66 -5.54 11.34 5.26
CA HIS F 66 -5.27 11.78 6.61
C HIS F 66 -4.22 10.85 7.33
N SER F 67 -4.49 9.55 7.36
CA SER F 67 -3.54 8.58 7.93
C SER F 67 -2.25 8.49 7.09
N ARG F 68 -1.12 8.25 7.75
CA ARG F 68 0.12 8.04 7.03
C ARG F 68 0.02 6.74 6.22
N THR F 69 -0.74 5.80 6.75
CA THR F 69 -0.49 4.38 6.58
C THR F 69 -1.68 3.62 5.95
N ARG F 70 -2.85 3.79 6.57
CA ARG F 70 -4.09 3.20 6.13
C ARG F 70 -4.47 3.68 4.75
N TYR F 71 -5.14 2.78 4.04
CA TYR F 71 -5.74 3.05 2.76
C TYR F 71 -7.17 3.57 3.00
N GLU F 72 -7.32 4.87 2.75
CA GLU F 72 -8.56 5.58 3.02
C GLU F 72 -9.56 5.55 1.84
N ARG F 73 -10.44 4.54 1.86
CA ARG F 73 -11.34 4.30 0.74
C ARG F 73 -12.13 5.55 0.39
N ILE F 75 -12.77 8.47 0.66
CA ILE F 75 -11.94 9.64 1.05
C ILE F 75 -10.86 9.97 0.01
N GLU F 76 -9.97 9.04 -0.21
CA GLU F 76 -8.65 9.28 -0.77
C GLU F 76 -8.56 8.88 -2.25
N LYS F 77 -7.67 9.55 -2.99
CA LYS F 77 -7.50 9.22 -4.40
C LYS F 77 -6.06 8.93 -4.74
N ILE F 78 -5.84 7.79 -5.36
CA ILE F 78 -4.53 7.40 -5.89
C ILE F 78 -4.44 7.69 -7.38
N SER F 79 -3.42 8.44 -7.79
CA SER F 79 -3.26 8.65 -9.22
C SER F 79 -1.88 8.31 -9.72
N MET F 80 -1.82 8.03 -11.00
CA MET F 80 -0.56 7.77 -11.66
C MET F 80 -0.18 9.05 -12.38
N LEU F 81 1.06 9.08 -12.82
CA LEU F 81 1.64 10.27 -13.40
C LEU F 81 1.86 10.10 -14.89
N GLU F 82 1.26 10.96 -15.70
CA GLU F 82 1.57 10.99 -17.12
C GLU F 82 3.02 11.42 -17.38
N LYS F 83 3.55 12.29 -16.52
CA LYS F 83 4.87 12.89 -16.71
C LYS F 83 5.40 13.61 -15.48
N ILE F 84 6.72 13.71 -15.44
CA ILE F 84 7.44 14.55 -14.48
C ILE F 84 8.23 15.64 -15.21
N TYR F 85 8.39 16.78 -14.54
CA TYR F 85 9.25 17.87 -15.03
C TYR F 85 10.00 18.50 -13.89
N ILE F 86 11.33 18.38 -13.91
CA ILE F 86 12.19 19.07 -12.94
C ILE F 86 12.68 20.39 -13.52
N HIS F 87 12.85 21.43 -12.69
CA HIS F 87 13.41 22.73 -13.12
C HIS F 87 14.78 22.51 -13.72
N PRO F 88 15.02 23.07 -14.92
CA PRO F 88 16.24 22.72 -15.58
C PRO F 88 17.47 23.39 -14.99
N ARG F 89 17.31 24.42 -14.17
CA ARG F 89 18.48 25.06 -13.57
C ARG F 89 18.60 24.66 -12.12
N TYR F 90 17.93 23.55 -11.79
CA TYR F 90 18.00 22.93 -10.47
C TYR F 90 19.43 22.62 -10.06
N ASN F 91 19.79 23.00 -8.84
CA ASN F 91 21.15 22.75 -8.38
C ASN F 91 21.34 21.97 -7.07
N TRP F 92 21.29 20.65 -7.19
CA TRP F 92 21.63 19.71 -6.12
C TRP F 92 23.13 19.72 -5.69
N ARG F 93 24.01 20.07 -6.63
CA ARG F 93 25.46 20.03 -6.39
C ARG F 93 25.91 20.87 -5.20
N GLU F 94 25.18 21.94 -4.89
CA GLU F 94 25.68 22.91 -3.92
C GLU F 94 24.75 23.32 -2.76
N ASN F 95 23.43 23.34 -2.98
CA ASN F 95 22.53 24.02 -2.04
C ASN F 95 21.08 23.89 -2.33
N LEU F 96 20.72 23.02 -3.28
CA LEU F 96 19.33 22.83 -3.76
C LEU F 96 18.66 24.10 -4.31
N ASP F 97 19.42 24.93 -5.02
CA ASP F 97 18.83 26.08 -5.67
C ASP F 97 17.83 25.61 -6.71
N ARG F 98 16.68 26.26 -6.74
CA ARG F 98 15.59 25.89 -7.67
C ARG F 98 15.04 24.48 -7.37
N ASP F 99 14.83 24.24 -6.09
CA ASP F 99 14.42 22.92 -5.67
C ASP F 99 12.93 22.91 -5.88
N ILE F 100 12.52 22.49 -7.08
CA ILE F 100 11.13 22.51 -7.49
C ILE F 100 10.88 21.52 -8.63
N ALA F 101 9.72 20.89 -8.59
CA ALA F 101 9.29 20.07 -9.71
C ALA F 101 7.78 19.96 -9.80
N LEU F 102 7.33 19.59 -10.99
CA LEU F 102 5.92 19.38 -11.28
C LEU F 102 5.65 17.95 -11.76
N MET F 103 4.45 17.48 -11.45
CA MET F 103 4.02 16.20 -11.95
C MET F 103 2.62 16.35 -12.53
N LYS F 104 2.42 15.73 -13.68
CA LYS F 104 1.17 15.77 -14.40
C LYS F 104 0.47 14.41 -14.26
N LEU F 105 -0.77 14.45 -13.80
CA LEU F 105 -1.61 13.26 -13.64
C LEU F 105 -2.14 12.72 -14.97
N LYS F 106 -2.14 11.38 -15.13
CA LYS F 106 -2.66 10.70 -16.35
C LYS F 106 -4.05 11.22 -16.73
N LYS F 107 -4.87 11.44 -15.72
CA LYS F 107 -6.26 11.88 -15.86
C LYS F 107 -6.64 12.83 -14.72
N PRO F 108 -7.58 13.77 -14.97
CA PRO F 108 -7.90 14.80 -13.98
C PRO F 108 -8.40 14.25 -12.65
N VAL F 109 -8.48 15.10 -11.65
CA VAL F 109 -8.91 14.65 -10.35
C VAL F 109 -10.11 15.46 -9.92
N ALA F 110 -11.19 14.75 -9.60
CA ALA F 110 -12.43 15.35 -9.11
C ALA F 110 -12.16 15.83 -7.69
N PHE F 111 -12.53 17.07 -7.39
CA PHE F 111 -12.27 17.63 -6.07
C PHE F 111 -13.34 17.15 -5.11
N SER F 112 -13.14 17.41 -3.83
CA SER F 112 -14.05 16.87 -2.84
C SER F 112 -13.92 17.70 -1.61
N ASP F 113 -14.49 17.24 -0.51
CA ASP F 113 -14.27 17.86 0.76
C ASP F 113 -12.82 17.76 1.16
N TYR F 114 -12.14 16.80 0.55
CA TYR F 114 -10.87 16.29 1.03
C TYR F 114 -9.72 16.56 0.08
N ILE F 115 -10.09 17.00 -1.12
CA ILE F 115 -9.19 17.17 -2.23
C ILE F 115 -9.64 18.50 -2.78
N HIS F 116 -8.70 19.46 -2.86
CA HIS F 116 -8.94 20.85 -3.32
C HIS F 116 -7.59 21.58 -3.57
N PRO F 117 -7.40 22.24 -4.73
CA PRO F 117 -6.08 22.87 -4.97
C PRO F 117 -5.75 24.13 -4.16
N VAL F 118 -4.49 24.28 -3.78
CA VAL F 118 -4.01 25.52 -3.18
C VAL F 118 -3.75 26.62 -4.27
N CYS F 119 -3.84 27.91 -3.92
CA CYS F 119 -3.48 29.01 -4.87
C CYS F 119 -1.99 29.26 -5.03
N LEU F 120 -1.57 29.81 -6.14
CA LEU F 120 -0.19 30.25 -6.28
C LEU F 120 -0.13 31.76 -6.17
N PRO F 121 0.84 32.24 -5.42
CA PRO F 121 1.04 33.67 -5.20
C PRO F 121 1.11 34.44 -6.51
N ASP F 122 0.43 35.58 -6.56
CA ASP F 122 0.73 36.62 -7.53
C ASP F 122 1.64 37.59 -6.81
N ARG F 123 2.08 38.64 -7.53
CA ARG F 123 3.19 39.48 -7.03
C ARG F 123 2.85 40.33 -5.84
N GLU F 124 1.67 40.95 -5.86
CA GLU F 124 1.24 41.80 -4.76
C GLU F 124 1.14 40.95 -3.50
N THR F 125 0.35 39.87 -3.56
CA THR F 125 0.21 38.90 -2.47
C THR F 125 1.57 38.47 -1.84
N ALA F 126 2.54 38.16 -2.68
CA ALA F 126 3.85 37.79 -2.20
C ALA F 126 4.60 38.98 -1.62
N ALA F 127 4.37 40.16 -2.14
CA ALA F 127 5.08 41.27 -1.57
C ALA F 127 4.46 41.55 -0.22
N SER F 128 3.14 41.48 -0.18
CA SER F 128 2.40 41.73 1.03
C SER F 128 2.79 40.82 2.16
N LEU F 129 2.86 39.52 1.90
CA LEU F 129 2.90 38.57 3.00
C LEU F 129 4.29 38.03 3.37
N LEU F 130 5.25 38.14 2.46
CA LEU F 130 6.59 37.58 2.72
C LEU F 130 7.40 38.59 3.48
N GLN F 131 7.21 38.58 4.79
CA GLN F 131 7.82 39.59 5.68
C GLN F 131 8.31 38.97 7.01
N ALA F 132 9.43 39.50 7.52
CA ALA F 132 9.95 38.95 8.72
C ALA F 132 8.83 38.97 9.75
N GLY F 133 8.58 37.82 10.36
CA GLY F 133 7.74 37.74 11.56
C GLY F 133 6.33 37.31 11.26
N TYR F 134 5.98 37.33 9.98
CA TYR F 134 4.67 36.87 9.48
C TYR F 134 4.67 35.37 9.27
N LYS F 135 3.69 34.69 9.86
CA LYS F 135 3.69 33.22 9.84
C LYS F 135 3.07 32.54 8.61
N GLY F 136 3.59 31.34 8.30
CA GLY F 136 2.98 30.42 7.36
C GLY F 136 2.79 29.05 8.02
N ARG F 137 2.14 28.12 7.33
CA ARG F 137 1.80 26.82 7.92
C ARG F 137 2.55 25.73 7.15
N VAL F 138 2.83 24.63 7.83
CA VAL F 138 3.62 23.56 7.23
C VAL F 138 3.02 22.25 7.63
N THR F 139 2.80 21.40 6.63
CA THR F 139 2.10 20.11 6.83
C THR F 139 2.92 18.97 6.27
N GLY F 140 2.75 17.78 6.81
CA GLY F 140 3.58 16.69 6.38
C GLY F 140 3.39 15.45 7.23
N TRP F 141 3.65 14.28 6.64
CA TRP F 141 3.76 13.05 7.37
C TRP F 141 5.21 12.69 7.76
N GLY F 142 6.17 13.63 7.59
CA GLY F 142 7.59 13.40 7.91
C GLY F 142 7.87 13.01 9.38
N ASN F 143 9.15 12.80 9.70
CA ASN F 143 9.58 12.49 11.06
C ASN F 143 9.06 13.45 12.13
N LEU F 144 8.65 12.87 13.25
CA LEU F 144 8.36 13.63 14.50
C LEU F 144 9.58 14.24 15.22
N LYS F 145 10.75 13.62 15.08
CA LYS F 145 11.94 14.06 15.79
C LYS F 145 13.13 13.99 14.80
N GLU F 146 14.25 14.64 15.11
CA GLU F 146 15.43 14.64 14.19
C GLU F 146 15.88 13.25 13.80
N THR F 147 16.32 13.10 12.56
CA THR F 147 16.71 11.79 12.05
C THR F 147 17.91 11.29 12.84
N TRP F 148 17.91 9.99 13.13
CA TRP F 148 18.94 9.36 13.96
C TRP F 148 18.59 9.43 15.45
N THR F 149 17.69 10.35 15.84
CA THR F 149 17.22 10.35 17.25
C THR F 149 15.92 9.53 17.50
N LYS F 154 7.70 6.01 18.59
CA LYS F 154 7.92 5.32 17.28
C LYS F 154 8.64 6.19 16.22
N GLY F 155 8.26 7.47 16.10
CA GLY F 155 9.04 8.42 15.28
C GLY F 155 8.32 9.01 14.07
N GLN F 156 7.39 8.25 13.49
CA GLN F 156 6.46 8.80 12.51
C GLN F 156 5.04 8.96 13.07
N PRO F 157 4.31 9.95 12.55
CA PRO F 157 2.98 10.22 13.05
C PRO F 157 2.00 9.20 12.48
N SER F 158 0.84 9.04 13.13
CA SER F 158 -0.27 8.22 12.64
C SER F 158 -1.03 8.98 11.58
N VAL F 159 -1.02 10.32 11.71
CA VAL F 159 -1.83 11.26 10.93
C VAL F 159 -1.01 12.47 10.45
N LEU F 160 -1.50 13.13 9.41
CA LEU F 160 -0.91 14.36 8.92
C LEU F 160 -0.66 15.34 10.03
N GLN F 161 0.44 16.09 9.95
CA GLN F 161 0.77 17.07 11.00
C GLN F 161 0.98 18.50 10.46
N VAL F 162 0.69 19.49 11.31
CA VAL F 162 0.87 20.92 10.97
C VAL F 162 1.64 21.71 12.00
N VAL F 163 2.25 22.80 11.55
CA VAL F 163 2.87 23.77 12.44
C VAL F 163 2.93 25.12 11.74
N ASN F 164 2.66 26.17 12.52
CA ASN F 164 2.87 27.53 12.05
C ASN F 164 4.25 28.05 12.41
N LEU F 165 4.89 28.73 11.47
CA LEU F 165 6.22 29.23 11.68
C LEU F 165 6.42 30.64 11.09
N PRO F 166 7.12 31.48 11.84
CA PRO F 166 7.48 32.82 11.36
C PRO F 166 8.58 32.83 10.30
N ILE F 167 8.36 33.58 9.22
CA ILE F 167 9.40 33.93 8.27
C ILE F 167 10.51 34.69 8.99
N VAL F 168 11.75 34.37 8.63
CA VAL F 168 12.94 34.89 9.29
C VAL F 168 13.63 35.80 8.29
N GLU F 169 14.37 36.79 8.77
CA GLU F 169 14.91 37.80 7.87
C GLU F 169 16.25 37.38 7.27
N ARG F 170 16.44 37.78 6.01
CA ARG F 170 17.47 37.22 5.18
C ARG F 170 18.84 37.30 5.81
N PRO F 171 19.16 38.38 6.54
CA PRO F 171 20.44 38.40 7.28
C PRO F 171 20.59 37.28 8.29
N VAL F 172 19.57 36.99 9.08
CA VAL F 172 19.68 36.00 10.12
C VAL F 172 19.75 34.65 9.49
N CYS F 173 18.89 34.41 8.49
CA CYS F 173 18.94 33.21 7.68
C CYS F 173 20.39 32.98 7.34
N LYS F 174 20.93 33.93 6.59
CA LYS F 174 22.22 33.83 5.97
C LYS F 174 23.29 33.47 6.99
N ASP F 175 23.22 34.12 8.16
CA ASP F 175 24.20 33.94 9.22
C ASP F 175 24.07 32.64 9.99
N SER F 176 22.93 31.96 9.90
CA SER F 176 22.72 30.76 10.69
C SER F 176 23.34 29.52 10.06
N THR F 177 23.67 29.59 8.76
CA THR F 177 24.28 28.47 8.05
C THR F 177 25.55 28.89 7.34
N ARG F 178 26.27 27.91 6.82
CA ARG F 178 27.45 28.21 6.01
C ARG F 178 27.20 27.88 4.54
N ILE F 179 26.04 27.31 4.26
CA ILE F 179 25.58 27.04 2.89
C ILE F 179 25.32 28.36 2.15
N ARG F 180 25.61 28.38 0.85
CA ARG F 180 25.37 29.54 -0.01
C ARG F 180 23.90 29.62 -0.41
N ILE F 181 23.25 30.70 0.06
CA ILE F 181 21.82 30.87 -0.02
C ILE F 181 21.46 31.63 -1.29
N THR F 182 20.31 31.34 -1.89
CA THR F 182 19.85 32.13 -3.04
C THR F 182 18.54 32.84 -2.75
N ASP F 183 18.31 33.88 -3.55
CA ASP F 183 16.99 34.51 -3.58
C ASP F 183 15.88 33.55 -3.96
N ASN F 184 16.29 32.36 -4.41
CA ASN F 184 15.35 31.30 -4.73
C ASN F 184 14.94 30.47 -3.49
N MET F 185 15.49 30.83 -2.33
CA MET F 185 15.12 30.26 -1.04
C MET F 185 14.63 31.30 -0.04
N PHE F 186 14.01 30.86 1.04
CA PHE F 186 13.88 31.70 2.25
C PHE F 186 13.84 30.78 3.44
N CYS F 187 14.00 31.30 4.64
CA CYS F 187 14.00 30.45 5.80
C CYS F 187 12.86 30.80 6.73
N ALA F 188 12.50 29.90 7.62
CA ALA F 188 11.44 30.14 8.58
C ALA F 188 11.57 29.25 9.79
N GLY F 189 11.08 29.74 10.93
CA GLY F 189 11.08 29.02 12.18
C GLY F 189 11.36 30.00 13.29
N TYR F 190 11.26 29.55 14.54
CA TYR F 190 11.51 30.44 15.70
C TYR F 190 12.99 30.63 16.06
N LYS F 191 13.25 31.67 16.83
CA LYS F 191 14.58 31.90 17.34
C LYS F 191 14.68 31.23 18.71
N PRO F 192 15.90 31.04 19.22
CA PRO F 192 15.96 30.46 20.55
C PRO F 192 15.27 31.32 21.61
N ASP F 193 15.31 32.64 21.43
CA ASP F 193 14.79 33.60 22.42
C ASP F 193 13.28 33.86 22.34
N GLU F 194 12.64 33.36 21.27
CA GLU F 194 11.18 33.35 21.16
C GLU F 194 10.59 32.16 21.94
N GLY F 195 11.41 31.16 22.25
CA GLY F 195 10.89 30.02 23.00
C GLY F 195 10.19 28.98 22.14
N LYS F 196 9.04 29.32 21.56
CA LYS F 196 8.30 28.41 20.68
C LYS F 196 9.24 27.62 19.74
N ARG F 197 8.87 26.36 19.47
CA ARG F 197 9.69 25.49 18.62
C ARG F 197 8.87 25.08 17.45
N GLY F 198 9.55 24.56 16.41
CA GLY F 198 8.88 23.87 15.30
C GLY F 198 9.67 23.82 14.02
N ASP F 199 9.57 22.72 13.27
CA ASP F 199 10.33 22.56 12.03
C ASP F 199 9.71 21.46 11.21
N ALA F 200 9.96 21.54 9.90
CA ALA F 200 9.82 20.42 8.98
C ALA F 200 11.01 19.47 9.19
N CYS F 201 10.93 18.27 8.62
CA CYS F 201 11.98 17.26 8.78
C CYS F 201 11.89 16.25 7.61
N GLU F 202 12.89 15.38 7.44
CA GLU F 202 12.87 14.33 6.38
C GLU F 202 11.50 13.63 6.32
N GLY F 203 10.99 13.40 5.12
CA GLY F 203 9.60 13.02 4.98
C GLY F 203 8.74 14.19 4.55
N ASP F 204 9.02 15.37 5.13
CA ASP F 204 8.22 16.55 4.89
C ASP F 204 8.67 17.24 3.59
N SER F 205 9.83 16.84 3.05
CA SER F 205 10.36 17.48 1.83
C SER F 205 9.34 17.53 0.71
N GLY F 206 9.21 18.71 0.11
CA GLY F 206 8.39 18.83 -1.08
C GLY F 206 6.97 19.09 -0.69
N GLY F 207 6.72 19.20 0.59
CA GLY F 207 5.43 19.70 1.04
C GLY F 207 5.37 21.22 0.88
N PRO F 208 4.16 21.76 1.11
CA PRO F 208 3.85 23.19 0.96
C PRO F 208 4.13 24.01 2.24
N PHE F 209 4.61 25.23 2.07
CA PHE F 209 4.54 26.24 3.12
C PHE F 209 3.53 27.26 2.65
N VAL F 210 2.35 27.27 3.29
CA VAL F 210 1.22 28.09 2.81
C VAL F 210 0.94 29.30 3.72
N MET F 211 0.40 30.37 3.14
CA MET F 211 -0.17 31.49 3.91
C MET F 211 -1.64 31.84 3.53
N LYS F 212 -2.46 32.19 4.54
CA LYS F 212 -3.86 32.64 4.31
C LYS F 212 -3.99 34.15 4.05
N SER F 213 -4.44 34.53 2.87
CA SER F 213 -4.41 35.94 2.51
C SER F 213 -5.59 36.76 3.07
N PRO F 214 -5.28 37.81 3.82
CA PRO F 214 -6.35 38.58 4.45
C PRO F 214 -7.08 39.41 3.45
N PHE F 215 -6.67 39.40 2.19
CA PHE F 215 -7.37 40.20 1.20
C PHE F 215 -8.55 39.46 0.60
N ASN F 216 -8.43 38.15 0.43
CA ASN F 216 -9.48 37.34 -0.17
C ASN F 216 -9.64 35.99 0.48
N ASN F 217 -9.18 35.84 1.71
CA ASN F 217 -9.34 34.57 2.42
C ASN F 217 -8.82 33.30 1.80
N ARG F 218 -8.19 33.37 0.64
CA ARG F 218 -7.69 32.15 0.02
C ARG F 218 -6.37 31.76 0.65
N TRP F 219 -6.04 30.46 0.58
CA TRP F 219 -4.70 29.91 0.89
C TRP F 219 -3.70 29.97 -0.26
N TYR F 220 -2.49 30.41 0.01
CA TYR F 220 -1.51 30.62 -1.02
C TYR F 220 -0.26 29.86 -0.67
N GLN F 221 0.34 29.14 -1.63
CA GLN F 221 1.50 28.36 -1.27
C GLN F 221 2.68 29.19 -1.56
N MET F 222 3.32 29.70 -0.51
CA MET F 222 4.45 30.60 -0.72
C MET F 222 5.71 29.83 -0.84
N GLY F 223 5.71 28.61 -0.30
CA GLY F 223 6.96 27.87 -0.19
C GLY F 223 6.85 26.37 -0.35
N ILE F 224 8.02 25.76 -0.54
CA ILE F 224 8.16 24.29 -0.60
C ILE F 224 9.26 23.82 0.37
N VAL F 225 8.98 22.77 1.15
CA VAL F 225 10.03 22.27 2.06
C VAL F 225 11.22 21.80 1.21
N SER F 226 12.38 22.36 1.47
CA SER F 226 13.55 22.04 0.70
C SER F 226 14.59 21.36 1.59
N TRP F 227 15.15 22.08 2.54
CA TRP F 227 16.28 21.56 3.26
C TRP F 227 16.51 22.26 4.59
N GLY F 228 17.21 21.59 5.49
CA GLY F 228 17.74 22.25 6.68
C GLY F 228 18.82 21.38 7.26
N GLU F 229 19.57 21.91 8.22
CA GLU F 229 20.59 21.12 8.93
C GLU F 229 19.95 20.53 10.19
N GLY F 230 19.78 19.21 10.22
CA GLY F 230 19.01 18.57 11.29
C GLY F 230 17.58 19.13 11.33
N CYS F 231 16.90 19.01 12.48
CA CYS F 231 15.49 19.37 12.61
C CYS F 231 15.18 19.99 13.95
N ASP F 232 14.75 21.25 13.90
CA ASP F 232 14.39 22.01 15.09
C ASP F 232 15.57 22.25 16.03
N ARG F 233 16.73 22.56 15.47
CA ARG F 233 17.90 22.90 16.27
C ARG F 233 17.86 24.38 16.57
N ASP F 234 18.38 24.79 17.71
CA ASP F 234 18.33 26.18 18.05
C ASP F 234 19.39 26.86 17.24
N GLY F 235 19.04 28.04 16.72
CA GLY F 235 19.94 28.84 15.90
C GLY F 235 19.89 28.36 14.48
N LYS F 236 19.01 27.38 14.27
CA LYS F 236 18.77 26.76 12.97
C LYS F 236 17.31 26.90 12.52
N TYR F 237 17.16 26.90 11.19
CA TYR F 237 15.93 27.26 10.47
C TYR F 237 15.67 26.37 9.23
N GLY F 238 14.39 26.09 8.98
CA GLY F 238 14.00 25.40 7.75
C GLY F 238 14.28 26.26 6.52
N PHE F 239 14.63 25.65 5.39
CA PHE F 239 14.66 26.40 4.16
C PHE F 239 13.55 25.94 3.23
N TYR F 240 13.01 26.90 2.49
CA TYR F 240 11.92 26.65 1.58
C TYR F 240 12.25 27.23 0.24
N THR F 241 11.72 26.64 -0.81
CA THR F 241 12.00 27.20 -2.17
C THR F 241 11.00 28.31 -2.49
N HIS F 242 11.49 29.48 -2.80
CA HIS F 242 10.66 30.64 -3.04
C HIS F 242 9.76 30.47 -4.28
N VAL F 243 8.55 29.99 -4.03
CA VAL F 243 7.63 29.57 -5.08
C VAL F 243 7.27 30.66 -6.09
N PHE F 244 7.17 31.91 -5.64
CA PHE F 244 6.78 33.02 -6.54
C PHE F 244 7.88 33.47 -7.52
N ARG F 245 9.14 33.41 -7.07
CA ARG F 245 10.28 33.68 -7.97
C ARG F 245 10.33 32.63 -9.08
N LEU F 246 9.75 31.46 -8.80
CA LEU F 246 9.78 30.38 -9.77
C LEU F 246 8.45 30.17 -10.54
N LYS F 247 7.55 31.13 -10.35
CA LYS F 247 6.23 31.09 -10.96
C LYS F 247 6.26 31.23 -12.48
N LYS F 248 7.12 32.10 -13.01
CA LYS F 248 7.43 32.12 -14.44
C LYS F 248 7.39 30.65 -14.93
N TRP F 249 8.37 29.88 -14.48
CA TRP F 249 8.54 28.47 -14.89
C TRP F 249 7.29 27.59 -14.63
N ILE F 250 6.70 27.67 -13.45
CA ILE F 250 5.54 26.82 -13.16
C ILE F 250 4.43 26.96 -14.18
N GLN F 251 3.99 28.19 -14.43
CA GLN F 251 2.99 28.49 -15.46
C GLN F 251 3.37 28.03 -16.87
N LYS F 252 4.67 28.11 -17.19
CA LYS F 252 5.17 27.85 -18.54
C LYS F 252 5.09 26.35 -18.84
N VAL F 253 5.51 25.55 -17.88
CA VAL F 253 5.34 24.10 -17.96
C VAL F 253 3.86 23.73 -18.09
N ILE F 254 3.00 24.32 -17.27
CA ILE F 254 1.54 24.08 -17.43
C ILE F 254 0.92 24.58 -18.75
N ASP F 255 1.46 25.63 -19.36
CA ASP F 255 0.91 26.10 -20.63
C ASP F 255 1.26 25.25 -21.86
N GLN F 256 2.11 24.27 -21.65
CA GLN F 256 2.60 23.48 -22.75
C GLN F 256 1.91 22.11 -22.72
N PHE F 257 1.81 21.56 -21.52
CA PHE F 257 1.37 20.18 -21.31
C PHE F 257 0.06 20.09 -20.50
N ALA G 7 -54.37 10.51 -26.81
CA ALA G 7 -53.53 9.41 -26.26
C ALA G 7 -54.24 8.79 -25.06
N ASP G 8 -54.78 9.65 -24.19
CA ASP G 8 -55.46 9.24 -22.93
C ASP G 8 -54.46 8.72 -21.87
N CYS G 9 -53.17 8.80 -22.21
CA CYS G 9 -52.08 8.36 -21.33
C CYS G 9 -52.21 8.92 -19.94
N GLY G 10 -51.59 8.23 -18.98
CA GLY G 10 -51.49 8.70 -17.62
C GLY G 10 -52.73 8.90 -16.77
N LEU G 11 -53.92 8.65 -17.33
CA LEU G 11 -55.16 8.58 -16.56
C LEU G 11 -55.47 7.11 -16.19
N ARG G 12 -55.39 6.75 -14.91
CA ARG G 12 -55.54 5.35 -14.48
C ARG G 12 -56.98 5.00 -14.39
N PRO G 13 -57.36 3.85 -14.96
CA PRO G 13 -58.79 3.53 -14.96
C PRO G 13 -59.39 3.18 -13.59
N LEU G 14 -58.62 2.65 -12.65
CA LEU G 14 -59.21 2.38 -11.34
C LEU G 14 -59.08 3.55 -10.37
N PHE G 15 -58.57 4.66 -10.86
CA PHE G 15 -58.34 5.81 -10.01
C PHE G 15 -58.81 7.15 -10.58
N GLU G 16 -58.15 7.67 -11.60
CA GLU G 16 -58.60 8.98 -12.12
C GLU G 16 -59.86 8.93 -12.96
N LYS G 17 -60.15 7.79 -13.57
CA LYS G 17 -61.41 7.72 -14.30
C LYS G 17 -62.57 7.54 -13.34
N LYS G 18 -62.28 6.97 -12.17
CA LYS G 18 -63.30 6.76 -11.13
C LYS G 18 -63.33 7.90 -10.09
N SER G 19 -62.52 8.93 -10.29
CA SER G 19 -62.25 9.97 -9.27
C SER G 19 -61.87 9.48 -7.86
N LEU G 20 -61.07 8.42 -7.80
CA LEU G 20 -60.54 7.95 -6.52
C LEU G 20 -59.05 8.23 -6.47
N GLU G 21 -58.47 8.25 -5.28
CA GLU G 21 -57.03 8.39 -5.16
C GLU G 21 -56.40 7.24 -4.44
N ASP G 22 -55.23 6.85 -4.90
CA ASP G 22 -54.46 5.84 -4.22
C ASP G 22 -53.99 6.34 -2.84
N LYS G 23 -53.28 5.51 -2.13
CA LYS G 23 -53.11 5.71 -0.72
C LYS G 23 -51.90 6.64 -0.46
N THR G 24 -51.20 7.01 -1.51
CA THR G 24 -50.04 7.85 -1.31
C THR G 24 -49.78 8.98 -2.32
N GLU G 25 -50.60 9.23 -3.33
CA GLU G 25 -50.26 10.27 -4.37
C GLU G 25 -50.29 11.72 -3.81
N ARG G 26 -51.09 11.88 -2.77
CA ARG G 26 -51.13 13.05 -1.96
C ARG G 26 -49.75 13.45 -1.47
N GLU G 27 -48.92 12.46 -1.17
CA GLU G 27 -47.66 12.67 -0.51
C GLU G 27 -46.80 13.40 -1.49
N LEU G 28 -46.91 12.95 -2.74
CA LEU G 28 -46.28 13.55 -3.87
C LEU G 28 -46.68 15.01 -4.01
N LEU G 29 -47.97 15.25 -4.06
CA LEU G 29 -48.43 16.61 -4.20
C LEU G 29 -47.98 17.48 -3.01
N GLU G 30 -47.97 16.93 -1.80
CA GLU G 30 -47.43 17.67 -0.67
C GLU G 30 -45.99 18.11 -0.91
N SER G 31 -45.22 17.32 -1.65
CA SER G 31 -43.85 17.71 -2.01
C SER G 31 -43.79 18.83 -3.02
N TYR G 32 -44.86 19.06 -3.78
CA TYR G 32 -44.75 20.14 -4.78
C TYR G 32 -45.13 21.49 -4.13
N ILE G 33 -46.01 21.43 -3.12
CA ILE G 33 -46.60 22.64 -2.62
C ILE G 33 -45.81 23.12 -1.43
N ASP G 34 -45.36 22.19 -0.60
CA ASP G 34 -44.76 22.57 0.67
C ASP G 34 -43.29 22.91 0.58
N ILE H 1 -37.69 -3.34 -4.67
CA ILE H 1 -37.85 -2.07 -3.90
C ILE H 1 -37.52 -2.30 -2.45
N VAL H 2 -36.80 -1.36 -1.81
CA VAL H 2 -36.39 -1.53 -0.39
C VAL H 2 -37.18 -0.52 0.39
N GLU H 3 -37.86 -0.98 1.44
CA GLU H 3 -38.73 -0.12 2.26
C GLU H 3 -39.80 0.61 1.48
N GLY H 4 -40.49 -0.11 0.59
CA GLY H 4 -41.75 0.38 0.02
C GLY H 4 -42.93 -0.40 0.56
N SER H 5 -43.98 -0.55 -0.23
CA SER H 5 -45.18 -1.30 0.24
C SER H 5 -45.83 -2.05 -0.91
N ASP H 6 -46.73 -2.99 -0.57
CA ASP H 6 -47.58 -3.67 -1.54
C ASP H 6 -48.27 -2.63 -2.38
N ALA H 7 -48.22 -2.77 -3.69
CA ALA H 7 -48.95 -1.85 -4.54
C ALA H 7 -50.47 -2.12 -4.46
N GLU H 8 -51.28 -1.10 -4.69
CA GLU H 8 -52.69 -1.26 -4.86
C GLU H 8 -53.01 -1.75 -6.25
N ILE H 9 -54.14 -2.43 -6.37
CA ILE H 9 -54.52 -2.97 -7.66
C ILE H 9 -54.77 -1.86 -8.69
N GLY H 10 -53.98 -1.86 -9.75
CA GLY H 10 -54.23 -0.91 -10.84
C GLY H 10 -53.59 0.45 -10.59
N MET H 11 -52.79 0.51 -9.53
CA MET H 11 -52.10 1.71 -9.15
C MET H 11 -51.11 2.08 -10.24
N SER H 12 -50.63 1.11 -10.97
CA SER H 12 -49.58 1.35 -11.92
C SER H 12 -49.87 0.52 -13.16
N PRO H 13 -50.91 0.88 -13.94
CA PRO H 13 -51.27 0.06 -15.08
C PRO H 13 -50.27 0.07 -16.28
N TRP H 14 -49.23 0.92 -16.25
CA TRP H 14 -48.27 0.91 -17.34
C TRP H 14 -47.10 -0.01 -17.00
N GLN H 15 -47.02 -0.49 -15.76
CA GLN H 15 -45.92 -1.43 -15.38
C GLN H 15 -45.80 -2.69 -16.26
N VAL H 16 -44.61 -2.93 -16.77
CA VAL H 16 -44.41 -4.06 -17.64
C VAL H 16 -43.29 -4.89 -17.02
N MET H 17 -43.53 -6.20 -16.93
CA MET H 17 -42.50 -7.17 -16.61
C MET H 17 -41.86 -7.75 -17.87
N LEU H 18 -40.54 -7.63 -17.90
CA LEU H 18 -39.71 -8.23 -18.92
C LEU H 18 -39.23 -9.61 -18.43
N PHE H 19 -39.51 -10.63 -19.23
CA PHE H 19 -39.51 -11.99 -18.78
C PHE H 19 -38.88 -12.84 -19.84
N ARG H 20 -37.99 -13.72 -19.39
CA ARG H 20 -37.17 -14.49 -20.28
C ARG H 20 -37.84 -15.82 -20.58
N LYS H 21 -37.87 -16.19 -21.86
CA LYS H 21 -38.55 -17.40 -22.27
C LYS H 21 -37.90 -18.66 -21.64
N SER H 22 -36.66 -18.97 -22.01
CA SER H 22 -36.09 -20.23 -21.57
C SER H 22 -34.65 -20.05 -21.11
N PRO H 23 -34.41 -20.16 -19.79
CA PRO H 23 -35.34 -20.57 -18.75
C PRO H 23 -36.27 -19.44 -18.36
N GLN H 24 -37.36 -19.73 -17.66
CA GLN H 24 -38.21 -18.66 -17.15
C GLN H 24 -37.48 -17.88 -16.05
N GLU H 25 -37.61 -16.55 -16.05
CA GLU H 25 -37.13 -15.70 -14.95
C GLU H 25 -37.51 -14.26 -15.23
N LEU H 26 -37.58 -13.47 -14.18
CA LEU H 26 -37.82 -12.04 -14.31
C LEU H 26 -36.52 -11.33 -14.74
N LEU H 27 -36.55 -10.56 -15.82
CA LEU H 27 -35.31 -9.93 -16.26
C LEU H 27 -35.21 -8.51 -15.72
N CYS H 28 -36.35 -7.81 -15.75
CA CYS H 28 -36.37 -6.39 -15.54
C CYS H 28 -37.79 -5.89 -15.53
N GLY H 29 -37.90 -4.62 -15.13
CA GLY H 29 -39.10 -3.81 -15.29
C GLY H 29 -39.10 -3.03 -16.60
N ALA H 30 -40.24 -2.40 -16.88
CA ALA H 30 -40.43 -1.67 -18.10
C ALA H 30 -41.77 -0.95 -18.03
N SER H 31 -42.09 -0.10 -19.01
CA SER H 31 -43.34 0.63 -18.97
C SER H 31 -44.00 0.65 -20.34
N LEU H 32 -45.32 0.79 -20.33
CA LEU H 32 -46.10 0.85 -21.53
C LEU H 32 -46.42 2.29 -21.87
N ILE H 33 -46.02 2.74 -23.05
CA ILE H 33 -46.15 4.14 -23.46
C ILE H 33 -47.10 4.41 -24.67
N SER H 34 -47.56 3.32 -25.30
CA SER H 34 -48.58 3.31 -26.36
C SER H 34 -48.99 1.83 -26.51
N ASP H 35 -49.96 1.51 -27.34
CA ASP H 35 -50.50 0.17 -27.37
C ASP H 35 -49.56 -0.80 -28.07
N ARG H 36 -48.48 -0.27 -28.65
CA ARG H 36 -47.52 -1.07 -29.43
C ARG H 36 -46.07 -0.90 -28.97
N TRP H 37 -45.84 0.03 -28.04
CA TRP H 37 -44.48 0.40 -27.63
C TRP H 37 -44.24 0.33 -26.13
N VAL H 38 -43.13 -0.32 -25.76
CA VAL H 38 -42.69 -0.51 -24.37
C VAL H 38 -41.32 0.15 -24.14
N LEU H 39 -41.15 0.74 -22.95
CA LEU H 39 -39.90 1.50 -22.64
C LEU H 39 -39.18 0.80 -21.51
N THR H 40 -37.86 0.65 -21.64
CA THR H 40 -37.06 -0.06 -20.64
C THR H 40 -35.62 0.47 -20.58
N ALA H 41 -34.73 -0.19 -19.79
CA ALA H 41 -33.33 0.25 -19.70
C ALA H 41 -32.52 -0.52 -20.65
N ALA H 42 -31.59 0.14 -21.33
CA ALA H 42 -30.78 -0.55 -22.31
C ALA H 42 -30.04 -1.73 -21.67
N HIS H 43 -29.63 -1.55 -20.40
CA HIS H 43 -28.76 -2.55 -19.77
C HIS H 43 -29.52 -3.84 -19.37
N CYS H 44 -30.85 -3.74 -19.28
CA CYS H 44 -31.75 -4.88 -19.20
C CYS H 44 -31.64 -5.81 -20.39
N LEU H 45 -31.19 -5.24 -21.52
CA LEU H 45 -31.19 -5.92 -22.79
C LEU H 45 -29.81 -6.26 -23.23
N LEU H 46 -28.85 -5.37 -23.00
CA LEU H 46 -27.50 -5.55 -23.53
C LEU H 46 -26.45 -5.18 -22.47
N TYR H 47 -25.71 -6.15 -21.97
CA TYR H 47 -24.60 -5.82 -21.09
C TYR H 47 -23.39 -6.72 -21.34
N PRO H 48 -22.64 -6.45 -22.41
CA PRO H 48 -21.56 -7.34 -22.89
C PRO H 48 -20.55 -7.84 -21.85
N PRO H 49 -20.40 -7.16 -20.69
CA PRO H 49 -19.52 -7.79 -19.71
C PRO H 49 -20.13 -9.09 -19.22
N TRP H 50 -21.45 -9.22 -19.34
CA TRP H 50 -22.09 -10.42 -18.87
C TRP H 50 -22.71 -11.25 -19.98
N ASP H 51 -22.00 -11.39 -21.10
CA ASP H 51 -22.56 -12.08 -22.27
C ASP H 51 -24.05 -11.86 -22.31
N LYS H 52 -24.47 -10.62 -22.27
CA LYS H 52 -25.89 -10.36 -22.26
C LYS H 52 -26.22 -9.61 -23.52
N ASN H 53 -27.19 -10.11 -24.28
CA ASN H 53 -27.52 -9.57 -25.59
C ASN H 53 -28.79 -10.23 -26.11
N PHE H 54 -29.84 -10.08 -25.31
CA PHE H 54 -31.16 -10.57 -25.66
C PHE H 54 -31.69 -9.89 -26.90
N THR H 55 -32.21 -10.71 -27.79
CA THR H 55 -32.97 -10.22 -28.93
C THR H 55 -34.46 -10.53 -28.75
N GLU H 56 -35.28 -9.97 -29.62
CA GLU H 56 -36.73 -10.15 -29.57
C GLU H 56 -37.17 -11.60 -29.30
N ASN H 57 -36.54 -12.54 -30.00
CA ASN H 57 -36.87 -13.97 -29.91
C ASN H 57 -36.71 -14.53 -28.51
N ASP H 58 -35.87 -13.91 -27.69
CA ASP H 58 -35.58 -14.45 -26.37
C ASP H 58 -36.58 -13.98 -25.31
N LEU H 59 -37.39 -13.00 -25.66
CA LEU H 59 -38.17 -12.28 -24.66
C LEU H 59 -39.64 -12.28 -24.92
N LEU H 60 -40.37 -12.07 -23.82
CA LEU H 60 -41.80 -11.80 -23.75
C LEU H 60 -41.99 -10.62 -22.77
N VAL H 61 -43.08 -9.88 -22.93
CA VAL H 61 -43.48 -8.85 -21.94
C VAL H 61 -44.81 -9.23 -21.29
N ARG H 62 -44.94 -9.02 -20.00
CA ARG H 62 -46.23 -9.28 -19.38
C ARG H 62 -46.71 -8.02 -18.74
N ILE H 63 -47.91 -7.63 -19.13
CA ILE H 63 -48.52 -6.35 -18.79
C ILE H 63 -49.78 -6.66 -17.99
N GLY H 64 -50.14 -5.80 -17.06
CA GLY H 64 -51.32 -6.05 -16.23
C GLY H 64 -51.09 -6.86 -14.97
N LYS H 65 -49.85 -7.24 -14.72
CA LYS H 65 -49.56 -8.13 -13.61
C LYS H 65 -49.58 -7.38 -12.29
N HIS H 66 -49.80 -8.12 -11.21
CA HIS H 66 -49.73 -7.60 -9.86
C HIS H 66 -48.83 -8.62 -9.13
N SER H 67 -49.23 -9.90 -9.14
CA SER H 67 -48.38 -10.97 -8.57
C SER H 67 -47.07 -11.15 -9.35
N ARG H 68 -45.98 -11.47 -8.64
CA ARG H 68 -44.70 -11.58 -9.29
C ARG H 68 -44.53 -12.86 -10.12
N THR H 69 -45.08 -13.97 -9.62
CA THR H 69 -44.79 -15.28 -10.18
C THR H 69 -45.99 -16.03 -10.67
N ARG H 70 -47.16 -15.71 -10.11
CA ARG H 70 -48.42 -16.36 -10.46
C ARG H 70 -48.89 -15.93 -11.85
N TYR H 71 -49.49 -16.85 -12.59
CA TYR H 71 -50.20 -16.53 -13.84
C TYR H 71 -51.62 -16.00 -13.57
N GLU H 72 -51.75 -14.71 -13.81
CA GLU H 72 -52.91 -13.91 -13.55
C GLU H 72 -53.72 -13.84 -14.85
N ARG H 73 -54.72 -14.73 -14.95
CA ARG H 73 -55.45 -14.96 -16.18
C ARG H 73 -56.32 -13.80 -16.64
N ILE H 75 -56.84 -10.94 -16.25
CA ILE H 75 -56.07 -9.75 -15.77
C ILE H 75 -54.89 -9.42 -16.67
N GLU H 76 -53.84 -10.26 -16.68
CA GLU H 76 -52.61 -9.96 -17.44
C GLU H 76 -52.65 -10.36 -18.93
N LYS H 77 -51.73 -9.77 -19.68
CA LYS H 77 -51.54 -10.10 -21.08
C LYS H 77 -50.07 -10.34 -21.36
N ILE H 78 -49.78 -11.29 -22.23
CA ILE H 78 -48.44 -11.65 -22.61
C ILE H 78 -48.25 -11.27 -24.08
N SER H 79 -47.15 -10.61 -24.41
CA SER H 79 -46.90 -10.38 -25.83
C SER H 79 -45.47 -10.67 -26.22
N MET H 80 -45.33 -11.05 -27.47
CA MET H 80 -44.05 -11.25 -28.10
C MET H 80 -43.60 -9.90 -28.66
N LEU H 81 -42.36 -9.84 -29.14
CA LEU H 81 -41.80 -8.59 -29.65
C LEU H 81 -41.49 -8.60 -31.15
N GLU H 82 -41.66 -7.46 -31.81
CA GLU H 82 -41.33 -7.32 -33.23
C GLU H 82 -39.87 -6.87 -33.41
N LYS H 83 -39.43 -5.93 -32.59
CA LYS H 83 -38.05 -5.43 -32.63
C LYS H 83 -37.62 -4.71 -31.32
N ILE H 84 -36.35 -4.87 -30.98
CA ILE H 84 -35.72 -4.13 -29.90
C ILE H 84 -34.93 -3.00 -30.53
N TYR H 85 -35.00 -1.82 -29.94
CA TYR H 85 -34.19 -0.71 -30.38
C TYR H 85 -33.49 -0.14 -29.17
N ILE H 86 -32.16 -0.10 -29.24
CA ILE H 86 -31.28 0.46 -28.22
C ILE H 86 -30.65 1.78 -28.64
N HIS H 87 -30.57 2.69 -27.68
CA HIS H 87 -29.98 3.98 -27.92
C HIS H 87 -28.59 3.77 -28.50
N PRO H 88 -28.37 4.30 -29.70
CA PRO H 88 -27.09 4.07 -30.35
C PRO H 88 -25.92 4.69 -29.57
N ARG H 89 -26.21 5.46 -28.53
CA ARG H 89 -25.16 6.21 -27.82
C ARG H 89 -24.99 5.77 -26.40
N TYR H 90 -25.83 4.80 -26.01
CA TYR H 90 -25.73 4.01 -24.79
C TYR H 90 -24.29 3.52 -24.52
N ASN H 91 -23.77 3.87 -23.34
CA ASN H 91 -22.37 3.54 -23.02
C ASN H 91 -22.19 2.73 -21.77
N TRP H 92 -22.12 1.42 -21.96
CA TRP H 92 -22.13 0.43 -20.84
C TRP H 92 -20.76 0.32 -20.19
N ARG H 93 -19.71 0.65 -20.96
CA ARG H 93 -18.34 0.47 -20.49
C ARG H 93 -17.97 1.43 -19.36
N GLU H 94 -18.73 2.51 -19.16
CA GLU H 94 -18.40 3.48 -18.10
C GLU H 94 -19.51 3.73 -17.07
N ASN H 95 -20.72 4.11 -17.49
CA ASN H 95 -21.75 4.52 -16.51
C ASN H 95 -23.15 4.46 -17.03
N LEU H 96 -23.36 3.72 -18.11
CA LEU H 96 -24.74 3.52 -18.59
C LEU H 96 -25.43 4.83 -18.98
N ASP H 97 -24.66 5.82 -19.44
CA ASP H 97 -25.21 7.07 -20.01
C ASP H 97 -26.13 6.71 -21.16
N ARG H 98 -27.31 7.31 -21.18
CA ARG H 98 -28.33 7.02 -22.19
C ARG H 98 -28.81 5.55 -22.04
N ASP H 99 -29.10 5.21 -20.79
CA ASP H 99 -29.48 3.84 -20.48
C ASP H 99 -30.94 3.77 -20.85
N ILE H 100 -31.23 3.39 -22.09
CA ILE H 100 -32.59 3.43 -22.58
C ILE H 100 -32.79 2.52 -23.80
N ALA H 101 -33.93 1.80 -23.82
CA ALA H 101 -34.33 1.02 -24.99
C ALA H 101 -35.82 1.04 -25.24
N LEU H 102 -36.20 0.89 -26.50
CA LEU H 102 -37.61 0.63 -26.81
C LEU H 102 -37.79 -0.81 -27.27
N MET H 103 -39.03 -1.29 -27.21
CA MET H 103 -39.36 -2.61 -27.72
C MET H 103 -40.68 -2.44 -28.41
N LYS H 104 -40.75 -2.80 -29.70
CA LYS H 104 -42.01 -2.71 -30.45
C LYS H 104 -42.72 -4.04 -30.36
N LEU H 105 -43.98 -4.00 -29.96
CA LEU H 105 -44.78 -5.22 -29.89
C LEU H 105 -45.21 -5.77 -31.27
N LYS H 106 -45.37 -7.10 -31.37
CA LYS H 106 -45.90 -7.76 -32.57
C LYS H 106 -47.30 -7.29 -32.93
N LYS H 107 -48.11 -7.04 -31.91
CA LYS H 107 -49.47 -6.57 -32.10
C LYS H 107 -49.89 -5.69 -30.94
N PRO H 108 -50.87 -4.79 -31.19
CA PRO H 108 -51.18 -3.87 -30.10
C PRO H 108 -51.82 -4.61 -28.93
N VAL H 109 -51.65 -4.10 -27.72
CA VAL H 109 -52.45 -4.61 -26.63
C VAL H 109 -53.70 -3.76 -26.47
N ALA H 110 -54.81 -4.43 -26.22
CA ALA H 110 -56.01 -3.75 -25.76
C ALA H 110 -55.78 -3.30 -24.29
N PHE H 111 -56.26 -2.12 -23.97
CA PHE H 111 -56.19 -1.55 -22.63
C PHE H 111 -57.40 -1.97 -21.79
N SER H 112 -57.21 -2.02 -20.47
CA SER H 112 -58.28 -2.42 -19.59
C SER H 112 -58.08 -1.75 -18.27
N ASP H 113 -58.77 -2.22 -17.22
CA ASP H 113 -58.63 -1.64 -15.90
C ASP H 113 -57.21 -1.76 -15.34
N TYR H 114 -56.42 -2.62 -15.99
CA TYR H 114 -55.15 -3.07 -15.48
C TYR H 114 -53.96 -2.79 -16.38
N ILE H 115 -54.24 -2.37 -17.60
CA ILE H 115 -53.24 -2.19 -18.65
C ILE H 115 -53.58 -0.80 -19.26
N HIS H 116 -52.68 0.18 -19.06
CA HIS H 116 -52.88 1.57 -19.53
C HIS H 116 -51.57 2.34 -19.59
N PRO H 117 -51.33 3.12 -20.66
CA PRO H 117 -50.03 3.78 -20.79
C PRO H 117 -49.80 5.05 -19.99
N VAL H 118 -48.55 5.32 -19.71
CA VAL H 118 -48.14 6.47 -19.00
C VAL H 118 -47.80 7.54 -20.04
N CYS H 119 -47.80 8.82 -19.66
CA CYS H 119 -47.43 9.91 -20.56
C CYS H 119 -45.93 10.20 -20.57
N LEU H 120 -45.46 10.76 -21.68
CA LEU H 120 -44.06 11.18 -21.75
C LEU H 120 -43.97 12.69 -21.59
N PRO H 121 -43.08 13.14 -20.71
CA PRO H 121 -42.87 14.56 -20.40
C PRO H 121 -42.71 15.47 -21.62
N ASP H 122 -43.44 16.58 -21.66
CA ASP H 122 -43.07 17.70 -22.54
C ASP H 122 -42.16 18.67 -21.78
N ARG H 123 -41.66 19.69 -22.47
CA ARG H 123 -40.59 20.51 -21.92
C ARG H 123 -41.03 21.22 -20.66
N GLU H 124 -42.21 21.83 -20.71
CA GLU H 124 -42.83 22.53 -19.59
C GLU H 124 -42.95 21.65 -18.35
N THR H 125 -43.58 20.49 -18.48
CA THR H 125 -43.82 19.57 -17.37
C THR H 125 -42.52 19.10 -16.66
N ALA H 126 -41.56 18.63 -17.45
CA ALA H 126 -40.20 18.38 -17.01
C ALA H 126 -39.65 19.52 -16.21
N ALA H 127 -39.74 20.72 -16.75
CA ALA H 127 -39.12 21.85 -16.10
C ALA H 127 -39.86 22.16 -14.82
N SER H 128 -41.16 22.07 -14.88
CA SER H 128 -41.98 22.22 -13.66
C SER H 128 -41.68 21.26 -12.53
N LEU H 129 -41.57 19.99 -12.85
CA LEU H 129 -41.61 18.96 -11.81
C LEU H 129 -40.27 18.39 -11.38
N LEU H 130 -39.25 18.49 -12.23
CA LEU H 130 -37.94 17.96 -11.92
C LEU H 130 -37.15 18.94 -11.08
N GLN H 131 -37.55 18.95 -9.81
CA GLN H 131 -36.98 19.88 -8.85
C GLN H 131 -36.53 19.20 -7.56
N ALA H 132 -35.49 19.75 -6.94
CA ALA H 132 -34.99 19.13 -5.75
C ALA H 132 -36.11 19.14 -4.71
N GLY H 133 -36.30 17.99 -4.07
CA GLY H 133 -37.25 17.88 -2.98
C GLY H 133 -38.62 17.46 -3.44
N TYR H 134 -38.89 17.49 -4.74
CA TYR H 134 -40.18 17.07 -5.29
C TYR H 134 -40.16 15.57 -5.50
N LYS H 135 -41.27 14.86 -5.28
CA LYS H 135 -41.24 13.38 -5.22
C LYS H 135 -41.83 12.64 -6.40
N GLY H 136 -41.27 11.46 -6.70
CA GLY H 136 -41.85 10.56 -7.65
C GLY H 136 -42.02 9.16 -7.06
N ARG H 137 -42.64 8.29 -7.84
CA ARG H 137 -42.96 6.95 -7.46
C ARG H 137 -42.12 6.02 -8.32
N VAL H 138 -41.69 4.92 -7.71
CA VAL H 138 -40.88 3.91 -8.40
C VAL H 138 -41.59 2.63 -8.05
N THR H 139 -41.81 1.79 -9.04
CA THR H 139 -42.49 0.47 -8.78
C THR H 139 -41.68 -0.65 -9.40
N GLY H 140 -41.72 -1.82 -8.79
CA GLY H 140 -41.07 -2.97 -9.41
C GLY H 140 -41.21 -4.26 -8.63
N TRP H 141 -40.83 -5.38 -9.25
CA TRP H 141 -40.82 -6.66 -8.55
C TRP H 141 -39.40 -7.07 -8.15
N GLY H 142 -38.55 -6.10 -7.90
CA GLY H 142 -37.14 -6.36 -7.63
C GLY H 142 -36.93 -6.66 -6.18
N ASN H 143 -35.65 -6.85 -5.80
CA ASN H 143 -35.27 -7.29 -4.42
C ASN H 143 -35.80 -6.43 -3.30
N LEU H 144 -36.15 -7.05 -2.18
CA LEU H 144 -36.56 -6.31 -0.98
C LEU H 144 -35.39 -5.75 -0.16
N LYS H 145 -34.23 -6.38 -0.24
CA LYS H 145 -33.07 -5.92 0.51
C LYS H 145 -31.87 -5.91 -0.42
N GLU H 146 -30.83 -5.16 -0.08
CA GLU H 146 -29.61 -5.20 -0.90
C GLU H 146 -29.20 -6.62 -1.28
N THR H 147 -28.97 -6.82 -2.57
CA THR H 147 -28.61 -8.11 -3.11
C THR H 147 -27.31 -8.58 -2.48
N TRP H 148 -27.37 -9.79 -1.94
CA TRP H 148 -26.29 -10.46 -1.22
C TRP H 148 -26.58 -10.44 0.27
N THR H 149 -27.37 -9.46 0.75
CA THR H 149 -27.65 -9.39 2.20
C THR H 149 -28.56 -10.51 2.73
N ALA H 150 -29.87 -10.39 2.53
CA ALA H 150 -30.91 -11.29 3.08
C ALA H 150 -30.61 -12.79 3.09
N LYS H 154 -38.45 -14.25 2.55
CA LYS H 154 -37.64 -13.00 2.51
C LYS H 154 -36.77 -12.97 1.22
N GLY H 155 -36.58 -11.77 0.66
CA GLY H 155 -35.73 -11.65 -0.53
C GLY H 155 -36.42 -10.95 -1.69
N GLN H 156 -37.37 -11.63 -2.32
CA GLN H 156 -38.17 -11.01 -3.35
C GLN H 156 -39.67 -11.00 -3.01
N PRO H 157 -40.38 -9.95 -3.45
CA PRO H 157 -41.75 -9.73 -3.04
C PRO H 157 -42.69 -10.69 -3.73
N SER H 158 -43.89 -10.83 -3.15
CA SER H 158 -45.00 -11.58 -3.72
C SER H 158 -45.79 -10.77 -4.75
N VAL H 159 -45.86 -9.46 -4.51
CA VAL H 159 -46.56 -8.53 -5.41
C VAL H 159 -45.72 -7.28 -5.76
N LEU H 160 -46.14 -6.63 -6.83
CA LEU H 160 -45.64 -5.32 -7.21
C LEU H 160 -45.46 -4.40 -6.01
N GLN H 161 -44.28 -3.81 -5.90
CA GLN H 161 -43.89 -2.95 -4.79
C GLN H 161 -43.78 -1.47 -5.18
N VAL H 162 -44.17 -0.60 -4.27
CA VAL H 162 -44.16 0.84 -4.55
C VAL H 162 -43.43 1.65 -3.49
N VAL H 163 -42.67 2.65 -3.97
CA VAL H 163 -42.11 3.65 -3.07
C VAL H 163 -42.05 5.05 -3.68
N ASN H 164 -42.21 6.06 -2.84
CA ASN H 164 -42.10 7.47 -3.21
C ASN H 164 -40.77 8.08 -2.72
N LEU H 165 -40.04 8.74 -3.62
CA LEU H 165 -38.70 9.24 -3.29
C LEU H 165 -38.51 10.68 -3.79
N PRO H 166 -37.85 11.52 -2.98
CA PRO H 166 -37.50 12.88 -3.44
C PRO H 166 -36.34 12.92 -4.45
N ILE H 167 -36.55 13.64 -5.56
CA ILE H 167 -35.44 14.10 -6.43
C ILE H 167 -34.42 14.86 -5.61
N VAL H 168 -33.14 14.56 -5.85
CA VAL H 168 -31.99 15.14 -5.12
C VAL H 168 -31.22 16.08 -6.07
N GLU H 169 -30.68 17.19 -5.55
CA GLU H 169 -29.97 18.18 -6.37
C GLU H 169 -28.67 17.60 -6.88
N ARG H 170 -28.15 18.14 -7.99
CA ARG H 170 -27.05 17.48 -8.71
C ARG H 170 -25.80 17.40 -7.87
N PRO H 171 -25.40 18.53 -7.24
CA PRO H 171 -24.14 18.43 -6.52
C PRO H 171 -24.17 17.28 -5.52
N VAL H 172 -25.28 17.08 -4.84
CA VAL H 172 -25.32 16.07 -3.80
C VAL H 172 -25.16 14.71 -4.42
N CYS H 173 -25.81 14.48 -5.56
CA CYS H 173 -25.68 13.23 -6.30
C CYS H 173 -24.22 13.07 -6.65
N LYS H 174 -23.67 14.07 -7.33
CA LYS H 174 -22.31 14.00 -7.85
C LYS H 174 -21.33 13.65 -6.73
N ASP H 175 -21.18 14.54 -5.75
CA ASP H 175 -20.45 14.31 -4.52
C ASP H 175 -20.73 12.97 -3.80
N SER H 176 -21.89 12.36 -4.03
CA SER H 176 -22.28 11.16 -3.28
C SER H 176 -21.66 9.90 -3.82
N THR H 177 -21.11 9.95 -5.03
CA THR H 177 -20.53 8.76 -5.68
C THR H 177 -19.26 9.06 -6.46
N ARG H 178 -18.47 8.02 -6.73
CA ARG H 178 -17.24 8.14 -7.52
C ARG H 178 -17.43 8.08 -9.07
N ILE H 179 -18.53 7.50 -9.52
CA ILE H 179 -18.83 7.39 -10.95
C ILE H 179 -19.13 8.75 -11.59
N ARG H 180 -18.70 8.92 -12.84
CA ARG H 180 -19.03 10.10 -13.66
C ARG H 180 -20.53 10.12 -13.83
N ILE H 181 -21.12 11.25 -13.54
CA ILE H 181 -22.54 11.48 -13.75
C ILE H 181 -22.70 12.41 -14.94
N THR H 182 -23.77 12.20 -15.70
CA THR H 182 -24.07 12.96 -16.90
C THR H 182 -25.49 13.52 -16.75
N ASP H 183 -25.84 14.54 -17.56
CA ASP H 183 -27.21 15.07 -17.51
C ASP H 183 -28.30 14.12 -17.99
N ASN H 184 -27.92 12.96 -18.51
CA ASN H 184 -28.91 11.97 -18.88
C ASN H 184 -29.35 11.13 -17.66
N MET H 185 -28.85 11.51 -16.50
CA MET H 185 -29.27 10.91 -15.25
C MET H 185 -29.72 11.93 -14.24
N PHE H 186 -30.64 11.51 -13.38
CA PHE H 186 -30.84 12.22 -12.12
C PHE H 186 -30.82 11.21 -10.98
N CYS H 187 -30.88 11.66 -9.74
CA CYS H 187 -30.84 10.72 -8.63
C CYS H 187 -31.96 11.07 -7.70
N ALA H 188 -32.46 10.10 -6.95
CA ALA H 188 -33.50 10.39 -6.03
C ALA H 188 -33.34 9.45 -4.88
N GLY H 189 -33.87 9.84 -3.72
CA GLY H 189 -33.80 9.08 -2.49
C GLY H 189 -33.62 10.03 -1.33
N TYR H 190 -33.80 9.55 -0.09
CA TYR H 190 -33.63 10.42 1.10
C TYR H 190 -32.21 10.52 1.60
N LYS H 191 -31.92 11.60 2.28
CA LYS H 191 -30.62 11.81 2.85
C LYS H 191 -30.65 11.09 4.18
N PRO H 192 -29.46 10.83 4.75
CA PRO H 192 -29.45 10.23 6.07
C PRO H 192 -30.17 11.08 7.09
N ASP H 193 -29.96 12.39 7.05
CA ASP H 193 -30.57 13.27 8.04
C ASP H 193 -32.12 13.51 7.92
N GLU H 194 -32.76 13.00 6.86
CA GLU H 194 -34.23 13.07 6.71
C GLU H 194 -34.92 11.83 7.30
N GLY H 195 -34.15 10.89 7.83
CA GLY H 195 -34.74 9.71 8.46
C GLY H 195 -35.27 8.67 7.48
N LYS H 196 -36.29 9.03 6.70
CA LYS H 196 -36.93 8.12 5.75
C LYS H 196 -36.01 7.34 4.81
N ARG H 197 -36.56 6.25 4.26
CA ARG H 197 -35.78 5.25 3.55
C ARG H 197 -36.48 4.77 2.29
N GLY H 198 -35.75 4.10 1.42
CA GLY H 198 -36.36 3.55 0.23
C GLY H 198 -35.48 3.64 -0.99
N ASP H 199 -35.49 2.61 -1.82
CA ASP H 199 -34.66 2.57 -3.04
C ASP H 199 -35.19 1.50 -4.01
N ALA H 200 -34.89 1.70 -5.28
CA ALA H 200 -35.07 0.67 -6.31
C ALA H 200 -33.95 -0.29 -6.08
N CYS H 201 -34.11 -1.52 -6.55
CA CYS H 201 -33.09 -2.55 -6.36
C CYS H 201 -33.09 -3.57 -7.51
N GLU H 202 -32.13 -4.52 -7.52
CA GLU H 202 -32.02 -5.50 -8.61
C GLU H 202 -33.36 -6.09 -8.97
N GLY H 203 -33.64 -6.13 -10.26
CA GLY H 203 -34.96 -6.49 -10.71
C GLY H 203 -35.82 -5.30 -11.00
N ASP H 204 -35.55 -4.14 -10.39
CA ASP H 204 -36.35 -2.96 -10.62
C ASP H 204 -35.81 -2.26 -11.81
N SER H 205 -34.62 -2.64 -12.25
CA SER H 205 -34.01 -2.04 -13.46
C SER H 205 -34.98 -1.99 -14.62
N GLY H 206 -35.13 -0.82 -15.21
CA GLY H 206 -35.91 -0.69 -16.40
C GLY H 206 -37.29 -0.24 -16.06
N GLY H 207 -37.61 -0.23 -14.78
CA GLY H 207 -38.91 0.18 -14.33
C GLY H 207 -39.05 1.69 -14.37
N PRO H 208 -40.29 2.17 -14.27
CA PRO H 208 -40.53 3.64 -14.40
C PRO H 208 -40.43 4.46 -13.11
N PHE H 209 -39.93 5.70 -13.19
CA PHE H 209 -40.06 6.65 -12.10
C PHE H 209 -41.09 7.66 -12.55
N VAL H 210 -42.25 7.72 -11.93
CA VAL H 210 -43.33 8.55 -12.44
C VAL H 210 -43.63 9.74 -11.51
N MET H 211 -44.21 10.80 -12.07
CA MET H 211 -44.68 11.95 -11.33
C MET H 211 -46.08 12.36 -11.78
N LYS H 212 -46.97 12.67 -10.80
CA LYS H 212 -48.32 13.11 -11.13
C LYS H 212 -48.47 14.64 -11.27
N SER H 213 -48.80 15.08 -12.47
CA SER H 213 -48.81 16.48 -12.75
C SER H 213 -50.05 17.15 -12.19
N PRO H 214 -49.86 18.19 -11.35
CA PRO H 214 -51.00 18.95 -10.89
C PRO H 214 -51.65 19.88 -11.92
N PHE H 215 -51.13 19.96 -13.14
CA PHE H 215 -51.85 20.75 -14.17
C PHE H 215 -52.96 19.99 -14.87
N ASN H 216 -52.82 18.68 -14.98
CA ASN H 216 -53.83 17.88 -15.66
C ASN H 216 -54.04 16.50 -15.05
N ASN H 217 -53.51 16.27 -13.86
CA ASN H 217 -53.76 15.01 -13.16
C ASN H 217 -53.32 13.77 -13.84
N ARG H 218 -52.58 13.86 -14.95
CA ARG H 218 -51.99 12.67 -15.59
C ARG H 218 -50.62 12.35 -15.03
N TRP H 219 -50.26 11.06 -15.10
CA TRP H 219 -48.94 10.57 -14.70
C TRP H 219 -47.99 10.58 -15.88
N TYR H 220 -46.76 10.99 -15.59
CA TYR H 220 -45.74 11.19 -16.59
C TYR H 220 -44.55 10.42 -16.12
N GLN H 221 -43.87 9.74 -17.02
CA GLN H 221 -42.70 8.99 -16.65
C GLN H 221 -41.47 9.90 -16.78
N MET H 222 -40.93 10.37 -15.67
CA MET H 222 -39.78 11.25 -15.72
C MET H 222 -38.49 10.47 -15.82
N GLY H 223 -38.49 9.24 -15.27
CA GLY H 223 -37.24 8.45 -15.24
C GLY H 223 -37.37 6.97 -15.52
N ILE H 224 -36.22 6.31 -15.59
CA ILE H 224 -36.13 4.86 -15.77
C ILE H 224 -35.07 4.40 -14.78
N VAL H 225 -35.42 3.39 -13.95
CA VAL H 225 -34.49 2.76 -12.95
C VAL H 225 -33.29 2.22 -13.69
N SER H 226 -32.12 2.68 -13.28
CA SER H 226 -30.90 2.44 -14.04
C SER H 226 -29.81 1.79 -13.22
N TRP H 227 -29.35 2.45 -12.15
CA TRP H 227 -28.17 1.98 -11.44
C TRP H 227 -28.01 2.61 -10.08
N GLY H 228 -27.40 1.86 -9.17
CA GLY H 228 -27.02 2.40 -7.89
C GLY H 228 -25.93 1.55 -7.31
N GLU H 229 -25.16 2.07 -6.36
CA GLU H 229 -24.20 1.22 -5.64
C GLU H 229 -24.90 0.60 -4.44
N GLY H 230 -25.13 -0.71 -4.48
CA GLY H 230 -26.02 -1.32 -3.51
C GLY H 230 -27.46 -0.80 -3.60
N CYS H 231 -28.17 -0.85 -2.47
CA CYS H 231 -29.57 -0.56 -2.36
C CYS H 231 -29.82 0.03 -0.96
N ASP H 232 -30.38 1.23 -0.95
CA ASP H 232 -30.77 1.94 0.28
C ASP H 232 -29.62 2.19 1.26
N ARG H 233 -28.39 2.30 0.78
CA ARG H 233 -27.28 2.64 1.68
C ARG H 233 -27.31 4.14 2.10
N ASP H 234 -27.04 4.48 3.36
CA ASP H 234 -27.05 5.89 3.72
C ASP H 234 -25.97 6.60 2.92
N GLY H 235 -26.28 7.79 2.41
CA GLY H 235 -25.31 8.59 1.67
C GLY H 235 -25.30 8.22 0.20
N LYS H 236 -26.06 7.19 -0.13
CA LYS H 236 -26.27 6.74 -1.51
C LYS H 236 -27.67 6.99 -2.06
N TYR H 237 -27.76 7.16 -3.41
CA TYR H 237 -29.00 7.46 -4.15
C TYR H 237 -29.21 6.59 -5.41
N GLY H 238 -30.47 6.36 -5.79
CA GLY H 238 -30.75 5.67 -7.06
C GLY H 238 -30.55 6.58 -8.26
N PHE H 239 -29.93 6.09 -9.32
CA PHE H 239 -29.78 6.90 -10.50
C PHE H 239 -30.80 6.50 -11.54
N TYR H 240 -31.40 7.50 -12.17
CA TYR H 240 -32.39 7.28 -13.21
C TYR H 240 -31.98 7.95 -14.53
N THR H 241 -32.40 7.28 -15.59
CA THR H 241 -32.24 7.72 -16.95
C THR H 241 -33.19 8.90 -17.18
N HIS H 242 -32.69 10.04 -17.58
CA HIS H 242 -33.52 11.22 -17.70
C HIS H 242 -34.34 11.23 -18.99
N VAL H 243 -35.57 10.72 -18.93
CA VAL H 243 -36.38 10.43 -20.11
C VAL H 243 -36.58 11.58 -21.14
N PHE H 244 -36.67 12.81 -20.64
CA PHE H 244 -37.14 13.88 -21.47
C PHE H 244 -35.99 14.34 -22.34
N ARG H 245 -34.87 14.54 -21.64
CA ARG H 245 -33.55 14.67 -22.14
C ARG H 245 -33.29 13.76 -23.35
N LEU H 246 -34.00 12.64 -23.37
CA LEU H 246 -33.86 11.65 -24.43
C LEU H 246 -35.15 11.49 -25.21
N LYS H 247 -36.09 12.40 -25.07
CA LYS H 247 -37.37 12.26 -25.82
C LYS H 247 -37.24 12.45 -27.36
N LYS H 248 -36.27 13.25 -27.80
CA LYS H 248 -36.08 13.42 -29.22
C LYS H 248 -35.79 12.07 -29.89
N TRP H 249 -34.91 11.27 -29.27
CA TRP H 249 -34.66 9.90 -29.78
C TRP H 249 -35.88 8.96 -29.72
N ILE H 250 -36.59 8.90 -28.57
CA ILE H 250 -37.81 8.10 -28.48
C ILE H 250 -38.70 8.42 -29.65
N GLN H 251 -39.13 9.68 -29.75
CA GLN H 251 -40.02 10.10 -30.85
C GLN H 251 -39.52 9.69 -32.24
N LYS H 252 -38.20 9.67 -32.44
CA LYS H 252 -37.68 9.44 -33.79
C LYS H 252 -37.68 7.96 -34.20
N VAL H 253 -37.69 7.07 -33.20
CA VAL H 253 -37.85 5.65 -33.42
C VAL H 253 -39.30 5.37 -33.74
N ILE H 254 -40.22 5.96 -32.98
CA ILE H 254 -41.67 5.79 -33.21
C ILE H 254 -42.25 6.43 -34.52
N ASP H 255 -41.72 7.58 -34.93
CA ASP H 255 -42.15 8.22 -36.18
C ASP H 255 -41.87 7.30 -37.36
N GLN H 256 -40.78 6.55 -37.24
CA GLN H 256 -40.33 5.66 -38.31
C GLN H 256 -41.05 4.29 -38.28
N PHE H 257 -41.21 3.72 -37.08
CA PHE H 257 -41.96 2.48 -36.90
C PHE H 257 -43.27 2.82 -36.20
N GLY H 258 -44.39 2.31 -36.72
CA GLY H 258 -45.70 2.63 -36.13
C GLY H 258 -46.86 2.18 -36.97
N ILE I 29 -17.05 -4.43 -11.20
CA ILE I 29 -18.51 -4.79 -11.01
C ILE I 29 -18.82 -6.33 -10.95
N PHE I 30 -19.51 -6.80 -9.89
CA PHE I 30 -19.85 -8.23 -9.70
C PHE I 30 -21.30 -8.59 -10.07
N GLU I 31 -21.51 -9.53 -10.99
CA GLU I 31 -22.86 -10.01 -11.39
C GLU I 31 -23.65 -10.67 -10.24
N PRO I 32 -24.93 -10.29 -10.04
CA PRO I 32 -25.77 -10.71 -8.89
C PRO I 32 -26.41 -12.10 -9.06
N PRO I 33 -26.73 -12.77 -7.93
CA PRO I 33 -27.20 -14.16 -7.89
C PRO I 33 -28.67 -14.36 -8.24
N GLU I 34 -29.43 -14.90 -7.26
CA GLU I 34 -30.89 -15.23 -7.34
C GLU I 34 -31.55 -15.29 -8.75
N ILE J 29 27.73 14.82 3.51
CA ILE J 29 26.40 14.65 4.18
C ILE J 29 25.77 13.21 4.06
N PHE J 30 25.04 12.79 5.08
CA PHE J 30 24.75 11.38 5.32
C PHE J 30 23.30 10.94 5.00
N GLU J 31 23.10 10.10 3.99
CA GLU J 31 21.76 9.53 3.70
C GLU J 31 21.03 8.97 4.96
N PRO J 32 19.75 9.32 5.12
CA PRO J 32 18.98 8.97 6.32
C PRO J 32 18.25 7.60 6.27
N PRO J 33 18.01 7.01 7.46
CA PRO J 33 17.36 5.66 7.52
C PRO J 33 15.87 5.66 7.10
N ILE K 29 4.17 -1.04 7.99
CA ILE K 29 3.43 -1.66 6.83
C ILE K 29 2.41 -0.67 6.24
N PHE K 30 2.26 -0.72 4.91
CA PHE K 30 1.34 0.11 4.18
C PHE K 30 0.15 -0.68 3.66
N GLU K 31 -1.06 -0.25 4.00
CA GLU K 31 -2.24 -1.05 3.66
C GLU K 31 -2.59 -1.03 2.16
N PRO K 32 -2.79 -2.22 1.57
CA PRO K 32 -3.17 -2.56 0.18
C PRO K 32 -4.12 -1.60 -0.53
N PRO K 33 -3.72 -1.09 -1.73
CA PRO K 33 -4.47 -0.19 -2.63
C PRO K 33 -5.96 -0.51 -2.78
N GLU L 28 -38.04 -20.00 -5.21
CA GLU L 28 -39.46 -19.72 -5.62
C GLU L 28 -39.61 -19.61 -7.16
N ILE L 29 -40.53 -20.43 -7.65
CA ILE L 29 -40.62 -20.70 -9.07
C ILE L 29 -41.87 -19.98 -9.67
N PHE L 30 -41.86 -19.76 -11.00
CA PHE L 30 -42.89 -19.00 -11.75
C PHE L 30 -43.85 -19.97 -12.44
N GLU L 31 -45.18 -19.77 -12.37
CA GLU L 31 -46.15 -20.71 -13.05
C GLU L 31 -46.18 -20.77 -14.59
N PRO L 32 -47.37 -20.88 -15.25
CA PRO L 32 -47.25 -21.26 -16.68
C PRO L 32 -46.54 -20.24 -17.58
C1 NAG M . 17.37 9.91 -14.83
C2 NAG M . 18.70 10.00 -15.58
C3 NAG M . 18.46 10.38 -17.05
C4 NAG M . 17.54 9.33 -17.73
C5 NAG M . 16.37 8.88 -16.83
C6 NAG M . 15.93 7.45 -17.19
C7 NAG M . 19.75 12.11 -14.62
C8 NAG M . 18.53 12.98 -14.85
N2 NAG M . 19.74 10.83 -14.96
O3 NAG M . 19.70 10.47 -17.73
O4 NAG M . 17.12 9.77 -19.02
O5 NAG M . 16.63 8.84 -15.42
O6 NAG M . 14.58 7.26 -16.82
O7 NAG M . 20.76 12.62 -14.11
C1 NAG M . 17.47 8.79 -19.94
C2 NAG M . 16.68 8.72 -21.25
C3 NAG M . 17.70 8.39 -22.33
C4 NAG M . 18.75 9.52 -22.39
C5 NAG M . 19.26 9.88 -20.98
C6 NAG M . 20.03 11.20 -20.97
C7 NAG M . 14.30 8.08 -21.05
C8 NAG M . 13.31 6.94 -21.10
N2 NAG M . 15.59 7.74 -21.26
O3 NAG M . 17.08 8.19 -23.59
O4 NAG M . 19.82 9.11 -23.22
O5 NAG M . 18.22 9.93 -20.00
O6 NAG M . 21.34 10.98 -20.50
O7 NAG M . 13.94 9.23 -20.80
C1 NAG N . -26.47 -9.32 -30.34
C2 NAG N . -25.20 -9.02 -31.14
C3 NAG N . -25.57 -8.66 -32.59
C4 NAG N . -26.52 -9.68 -33.24
C5 NAG N . -27.61 -10.24 -32.31
C6 NAG N . -27.86 -11.70 -32.69
C7 NAG N . -24.43 -6.73 -30.24
C8 NAG N . -25.49 -5.89 -30.91
N2 NAG N . -24.35 -8.07 -30.40
O3 NAG N . -24.37 -8.66 -33.35
O4 NAG N . -27.12 -9.19 -34.45
O5 NAG N . -27.29 -10.30 -30.93
O6 NAG N . -29.12 -12.08 -32.21
O7 NAG N . -23.62 -6.13 -29.53
C1 NAG N . -26.59 -9.98 -35.56
C2 NAG N . -27.68 -10.54 -36.49
C3 NAG N . -27.05 -11.33 -37.66
C4 NAG N . -25.83 -10.63 -38.27
C5 NAG N . -24.89 -10.18 -37.15
C6 NAG N . -23.64 -9.47 -37.65
C7 NAG N . -29.90 -11.59 -36.03
C8 NAG N . -30.67 -12.52 -35.14
N2 NAG N . -28.60 -11.40 -35.74
O3 NAG N . -27.99 -11.60 -38.69
O4 NAG N . -25.18 -11.50 -39.16
O5 NAG N . -25.60 -9.31 -36.29
O6 NAG N . -23.08 -8.75 -36.58
O7 NAG N . -30.48 -11.05 -36.98
C1 NAG O . -14.12 -8.66 16.68
C2 NAG O . -13.67 -7.84 17.92
C3 NAG O . -14.55 -7.96 19.19
C4 NAG O . -16.02 -8.28 18.89
C5 NAG O . -16.07 -9.40 17.83
C6 NAG O . -17.48 -9.93 17.58
C7 NAG O . -11.68 -9.36 18.20
C8 NAG O . -12.42 -10.63 17.87
N2 NAG O . -12.27 -8.16 18.20
O3 NAG O . -14.53 -6.77 19.97
O4 NAG O . -16.72 -8.60 20.09
O5 NAG O . -15.53 -8.89 16.62
O6 NAG O . -18.31 -8.87 17.17
O7 NAG O . -10.48 -9.45 18.47
C1 BEN P . 1.81 -12.90 -1.03
C2 BEN P . 1.07 -13.84 -0.30
C3 BEN P . -0.05 -13.44 0.43
C4 BEN P . -0.45 -12.09 0.43
C5 BEN P . 0.27 -11.18 -0.34
C6 BEN P . 1.40 -11.58 -1.07
C BEN P . 2.89 -13.36 -1.79
N1 BEN P . 3.62 -12.56 -2.54
N2 BEN P . 3.07 -14.65 -1.82
NA NA Q . 10.69 -14.55 -7.18
NA NA R . -7.02 -22.38 2.00
C2 BGC S . 2.09 -2.72 -11.87
C3 BGC S . 2.58 -3.48 -10.64
C4 BGC S . 2.79 -2.41 -9.56
C5 BGC S . 1.38 -1.97 -9.16
C6 BGC S . 1.30 -1.17 -7.86
C1 BGC S . 0.72 -2.06 -11.51
O1 BGC S . 0.19 -1.24 -12.56
O2 BGC S . 2.03 -3.57 -13.04
O3 BGC S . 3.72 -4.34 -10.86
O4 BGC S . 3.61 -2.88 -8.49
O5 BGC S . 0.82 -1.27 -10.30
O6 BGC S . 0.54 0.04 -8.03
NA NA T . 57.51 -18.49 9.62
C1 NAG U . 32.75 13.25 31.30
C2 NAG U . 33.06 13.02 32.78
C3 NAG U . 32.09 12.03 33.46
C4 NAG U . 31.12 11.29 32.50
C5 NAG U . 30.73 12.08 31.23
C6 NAG U . 29.22 12.22 31.03
C7 NAG U . 35.29 11.70 32.75
C8 NAG U . 34.78 10.41 32.18
N2 NAG U . 34.50 12.76 32.99
O3 NAG U . 31.34 12.73 34.44
O4 NAG U . 31.69 10.08 32.07
O5 NAG U . 31.34 13.35 31.23
O6 NAG U . 28.91 11.94 29.68
O7 NAG U . 36.50 11.75 33.02
C1 BEN V . 46.99 7.15 12.84
C2 BEN V . 46.25 6.35 13.71
C3 BEN V . 45.22 6.93 14.46
C4 BEN V . 44.88 8.29 14.32
C5 BEN V . 45.62 9.08 13.44
C6 BEN V . 46.68 8.52 12.69
C BEN V . 47.99 6.59 12.07
N1 BEN V . 48.61 7.29 11.14
N2 BEN V . 48.28 5.32 12.20
NA NA W . 55.46 5.12 6.82
C1 BEN X . 14.31 19.93 7.03
C2 BEN X . 15.03 18.74 7.24
C3 BEN X . 15.11 17.77 6.24
C4 BEN X . 14.47 17.96 5.02
C5 BEN X . 13.75 19.15 4.79
C6 BEN X . 13.66 20.12 5.79
C BEN X . 14.21 20.90 8.07
N1 BEN X . 13.54 22.03 7.93
N2 BEN X . 14.78 20.70 9.24
NA NA Y . 14.79 25.80 15.74
C2 BGC Z . 13.01 36.84 2.15
C3 BGC Z . 12.69 36.84 3.63
C4 BGC Z . 13.08 38.32 3.92
C5 BGC Z . 12.26 39.32 3.06
C6 BGC Z . 13.05 40.65 2.93
C1 BGC Z . 11.75 37.41 1.53
O1 BGC Z . 11.67 37.02 0.15
O2 BGC Z . 13.45 35.59 1.59
O3 BGC Z . 13.41 35.77 4.26
O4 BGC Z . 13.01 38.76 5.30
O5 BGC Z . 11.82 38.84 1.74
O6 BGC Z . 12.21 41.81 2.73
NA NA AA . -43.03 24.91 -4.82
C1 BEN BA . -30.35 0.18 -8.02
C2 BEN BA . -29.55 -0.95 -7.84
C3 BEN BA . -29.39 -1.83 -8.92
C4 BEN BA . -30.00 -1.60 -10.15
C5 BEN BA . -30.80 -0.46 -10.32
C6 BEN BA . -30.97 0.42 -9.25
C BEN BA . -30.57 1.07 -6.94
N1 BEN BA . -31.42 2.05 -7.06
N2 BEN BA . -30.04 0.91 -5.74
NA NA CA . -30.02 5.97 0.83
C2 BGC DA . -31.97 19.45 -11.67
C3 BGC DA . -32.64 18.37 -12.53
C4 BGC DA . -31.58 17.32 -12.47
C5 BGC DA . -31.85 16.60 -11.15
C6 BGC DA . -30.63 15.87 -10.62
C1 BGC DA . -32.25 18.98 -10.23
O1 BGC DA . -31.35 19.61 -9.29
O2 BGC DA . -32.38 20.80 -11.90
O3 BGC DA . -32.87 18.64 -13.91
O4 BGC DA . -31.65 16.56 -13.68
O5 BGC DA . -32.25 17.52 -10.12
O6 BGC DA . -31.00 14.80 -9.75
#